data_5KLQ
#
_entry.id   5KLQ
#
_cell.length_a   49.131
_cell.length_b   82.295
_cell.length_c   86.268
_cell.angle_alpha   64.20
_cell.angle_beta   76.69
_cell.angle_gamma   89.35
#
_symmetry.space_group_name_H-M   'P 1'
#
loop_
_entity.id
_entity.type
_entity.pdbx_description
1 polymer Orf34
2 non-polymer 'INOSITOL HEXAKISPHOSPHATE'
3 non-polymer 'COENZYME A'
4 non-polymer 'CITRIC ACID'
#
_entity_poly.entity_id   1
_entity_poly.type   'polypeptide(L)'
_entity_poly.pdbx_seq_one_letter_code
;SRNTPDRRQRAAGDAERTQSMRLQQKINDLKPYVRHARGPIKAYGQAALDRASGAATSVSFAELDATHLDAMVYIENQRN
PGLNLKHFRDHYYLIQALQSDGPSAFRAIFPQTCPETGQTLKHHVMADVRLHQGGAPTIIITEPAVIVGARYQQLQRHNL
TLEDLSESGVPLSQVAIIETQAQKTSDDCVMYSLNYAIKAHKNAAQFDDIHHGLQHGTLSTESESRARTTLGALEASSSY
SVMHEGAHAAFGADVLPVDFYKHGASLTQAYYLMKRPDGRMAGRVNSEGHSEAENLVQRNQAFRVKRRELLDDETPSNTQ
FSASIDGFRLQEIKRVLAAAQR
;
_entity_poly.pdbx_strand_id   C,A,B
#
loop_
_chem_comp.id
_chem_comp.type
_chem_comp.name
_chem_comp.formula
CIT non-polymer 'CITRIC ACID' 'C6 H8 O7'
COA non-polymer 'COENZYME A' 'C21 H36 N7 O16 P3 S'
IHP non-polymer 'INOSITOL HEXAKISPHOSPHATE' 'C6 H18 O24 P6'
#
# COMPACT_ATOMS: atom_id res chain seq x y z
N GLN A 19 -28.69 19.18 -11.03
CA GLN A 19 -29.55 19.44 -9.87
C GLN A 19 -30.91 18.77 -10.06
N SER A 20 -31.38 18.10 -9.01
CA SER A 20 -32.64 17.37 -9.05
C SER A 20 -33.57 17.72 -7.89
N MET A 21 -34.86 17.81 -8.20
CA MET A 21 -35.86 18.26 -7.23
C MET A 21 -36.00 17.32 -6.03
N ARG A 22 -35.87 16.01 -6.26
CA ARG A 22 -36.00 15.03 -5.18
C ARG A 22 -34.88 15.17 -4.16
N LEU A 23 -33.64 15.12 -4.64
CA LEU A 23 -32.48 15.25 -3.78
C LEU A 23 -32.49 16.60 -3.08
N GLN A 24 -32.93 17.64 -3.80
CA GLN A 24 -33.05 18.97 -3.22
C GLN A 24 -34.07 18.98 -2.10
N GLN A 25 -35.15 18.25 -2.29
CA GLN A 25 -36.20 18.12 -1.27
C GLN A 25 -35.63 17.46 -0.03
N LYS A 26 -34.82 16.42 -0.25
CA LYS A 26 -34.15 15.74 0.85
C LYS A 26 -33.21 16.68 1.60
N ILE A 27 -32.53 17.54 0.85
CA ILE A 27 -31.64 18.54 1.43
C ILE A 27 -32.44 19.49 2.31
N ASN A 28 -33.55 20.00 1.79
CA ASN A 28 -34.41 20.90 2.56
C ASN A 28 -34.96 20.22 3.81
N ASP A 29 -35.18 18.91 3.73
CA ASP A 29 -35.63 18.17 4.91
C ASP A 29 -34.53 18.07 5.95
N LEU A 30 -33.30 17.84 5.52
CA LEU A 30 -32.20 17.61 6.48
C LEU A 30 -31.59 18.88 7.07
N LYS A 31 -31.50 19.93 6.26
CA LYS A 31 -30.78 21.16 6.62
C LYS A 31 -31.09 21.72 8.02
N PRO A 32 -32.37 21.79 8.41
CA PRO A 32 -32.57 22.29 9.77
C PRO A 32 -31.91 21.40 10.82
N TYR A 33 -32.13 20.09 10.72
CA TYR A 33 -31.59 19.14 11.71
C TYR A 33 -30.07 19.24 11.89
N VAL A 34 -29.36 19.50 10.79
CA VAL A 34 -27.91 19.68 10.86
C VAL A 34 -27.59 21.06 11.45
N ARG A 35 -28.35 22.06 11.01
CA ARG A 35 -28.16 23.44 11.47
C ARG A 35 -28.53 23.62 12.94
N HIS A 36 -29.05 22.54 13.53
CA HIS A 36 -29.44 22.58 14.93
C HIS A 36 -28.56 21.60 15.72
N ALA A 37 -27.82 20.78 14.98
CA ALA A 37 -26.93 19.78 15.57
C ALA A 37 -25.67 20.37 16.17
N ARG A 38 -25.13 19.66 17.15
CA ARG A 38 -23.86 20.02 17.79
C ARG A 38 -23.01 18.76 17.90
N GLY A 39 -21.69 18.94 17.88
CA GLY A 39 -20.78 17.81 17.94
C GLY A 39 -20.26 17.46 16.56
N PRO A 40 -19.67 16.25 16.42
CA PRO A 40 -19.12 15.81 15.14
C PRO A 40 -20.23 15.48 14.14
N ILE A 41 -21.43 15.25 14.66
CA ILE A 41 -22.54 14.86 13.81
C ILE A 41 -23.04 16.06 13.01
N LYS A 42 -22.85 17.26 13.54
CA LYS A 42 -23.19 18.47 12.80
C LYS A 42 -22.25 18.64 11.61
N ALA A 43 -20.96 18.38 11.85
CA ALA A 43 -19.96 18.46 10.80
C ALA A 43 -20.23 17.43 9.72
N TYR A 44 -20.56 16.22 10.16
CA TYR A 44 -20.86 15.11 9.25
C TYR A 44 -22.09 15.43 8.39
N GLY A 45 -23.13 15.95 9.03
CA GLY A 45 -24.36 16.30 8.36
C GLY A 45 -24.14 17.40 7.35
N GLN A 46 -23.32 18.38 7.72
CA GLN A 46 -22.99 19.47 6.81
C GLN A 46 -22.24 18.94 5.60
N ALA A 47 -21.28 18.06 5.84
CA ALA A 47 -20.53 17.46 4.75
C ALA A 47 -21.44 16.68 3.82
N ALA A 48 -22.44 16.02 4.40
CA ALA A 48 -23.41 15.26 3.61
C ALA A 48 -24.29 16.17 2.77
N LEU A 49 -24.71 17.29 3.35
CA LEU A 49 -25.50 18.28 2.63
C LEU A 49 -24.73 18.87 1.46
N ASP A 50 -23.45 19.16 1.69
CA ASP A 50 -22.57 19.67 0.64
C ASP A 50 -22.44 18.64 -0.47
N ARG A 51 -22.16 17.40 -0.06
CA ARG A 51 -22.07 16.25 -0.94
C ARG A 51 -23.28 16.12 -1.87
N ALA A 52 -24.46 16.14 -1.27
CA ALA A 52 -25.71 16.00 -2.01
C ALA A 52 -25.96 17.18 -2.95
N SER A 53 -25.79 18.39 -2.42
CA SER A 53 -26.07 19.62 -3.15
C SER A 53 -25.29 19.75 -4.46
N GLY A 54 -24.16 19.06 -4.53
CA GLY A 54 -23.34 19.08 -5.72
C GLY A 54 -22.10 19.93 -5.51
N ALA A 55 -21.78 20.17 -4.24
CA ALA A 55 -20.58 20.93 -3.89
C ALA A 55 -19.42 19.97 -3.69
N ALA A 56 -18.24 20.53 -3.41
CA ALA A 56 -17.05 19.71 -3.24
C ALA A 56 -16.99 19.17 -1.82
N THR A 57 -16.43 17.98 -1.67
CA THR A 57 -16.30 17.35 -0.35
C THR A 57 -14.82 17.17 -0.02
N SER A 58 -14.31 17.98 0.90
CA SER A 58 -12.91 17.95 1.27
C SER A 58 -12.61 16.88 2.32
N VAL A 59 -13.19 15.70 2.12
CA VAL A 59 -13.02 14.57 3.04
C VAL A 59 -13.57 13.28 2.44
N SER A 60 -13.00 12.14 2.85
CA SER A 60 -13.47 10.84 2.39
C SER A 60 -14.72 10.41 3.14
N PHE A 61 -15.75 10.00 2.39
CA PHE A 61 -17.03 9.64 2.98
C PHE A 61 -17.09 8.20 3.50
N ALA A 62 -16.16 7.35 3.07
CA ALA A 62 -16.12 5.99 3.61
C ALA A 62 -15.81 6.07 5.10
N GLU A 63 -14.91 6.99 5.45
CA GLU A 63 -14.47 7.15 6.83
C GLU A 63 -15.54 7.81 7.67
N LEU A 64 -16.17 8.84 7.12
CA LEU A 64 -17.25 9.55 7.77
C LEU A 64 -18.41 8.62 8.07
N ASP A 65 -18.87 7.92 7.04
CA ASP A 65 -19.95 6.94 7.19
C ASP A 65 -19.57 5.86 8.21
N ALA A 66 -18.34 5.34 8.10
CA ALA A 66 -17.86 4.32 9.01
C ALA A 66 -17.96 4.78 10.45
N THR A 67 -17.57 6.04 10.70
CA THR A 67 -17.63 6.61 12.04
C THR A 67 -19.04 6.75 12.58
N HIS A 68 -19.93 7.30 11.77
CA HIS A 68 -21.29 7.59 12.22
C HIS A 68 -22.28 6.50 11.84
N LEU A 69 -21.79 5.28 11.65
CA LEU A 69 -22.67 4.18 11.27
C LEU A 69 -23.52 3.70 12.44
N ASP A 70 -22.93 3.66 13.63
CA ASP A 70 -23.59 3.12 14.81
C ASP A 70 -24.85 3.88 15.18
N ALA A 71 -24.73 5.21 15.22
CA ALA A 71 -25.85 6.07 15.59
C ALA A 71 -27.02 5.90 14.62
N MET A 72 -26.74 5.34 13.48
CA MET A 72 -27.76 5.09 12.53
C MET A 72 -28.28 3.75 12.97
N VAL A 73 -27.46 2.77 12.78
CA VAL A 73 -27.82 1.39 13.06
C VAL A 73 -28.82 1.33 14.21
N TYR A 74 -28.59 2.15 15.24
CA TYR A 74 -29.49 2.20 16.39
C TYR A 74 -30.91 2.57 15.97
N ILE A 75 -31.05 3.74 15.35
CA ILE A 75 -32.38 4.24 15.02
C ILE A 75 -33.05 3.38 13.96
N GLU A 76 -32.26 2.63 13.20
CA GLU A 76 -32.83 1.77 12.18
C GLU A 76 -33.34 0.48 12.84
N ASN A 77 -32.62 0.02 13.86
CA ASN A 77 -33.09 -1.10 14.66
C ASN A 77 -34.36 -0.75 15.41
N GLN A 78 -34.46 0.50 15.84
CA GLN A 78 -35.71 0.99 16.43
C GLN A 78 -36.82 0.99 15.38
N ARG A 79 -36.58 1.66 14.25
CA ARG A 79 -37.57 1.81 13.19
C ARG A 79 -38.17 0.48 12.75
N ASN A 80 -37.31 -0.50 12.52
CA ASN A 80 -37.75 -1.83 12.12
C ASN A 80 -37.28 -2.89 13.10
N PRO A 81 -38.07 -3.15 14.15
CA PRO A 81 -37.72 -4.20 15.11
C PRO A 81 -37.63 -5.54 14.41
N GLY A 82 -36.52 -6.24 14.60
CA GLY A 82 -36.28 -7.48 13.89
C GLY A 82 -35.20 -7.32 12.83
N LEU A 83 -34.79 -6.08 12.58
CA LEU A 83 -33.72 -5.81 11.62
C LEU A 83 -32.43 -6.51 12.05
N ASN A 84 -32.13 -6.45 13.35
CA ASN A 84 -30.95 -7.09 13.95
C ASN A 84 -29.62 -6.69 13.28
N LEU A 85 -29.47 -5.41 12.95
CA LEU A 85 -28.25 -4.91 12.32
C LEU A 85 -27.14 -4.65 13.33
N LYS A 86 -25.93 -5.14 13.02
CA LYS A 86 -24.78 -4.92 13.89
C LYS A 86 -23.57 -4.36 13.13
N HIS A 87 -22.81 -3.49 13.80
CA HIS A 87 -21.58 -2.96 13.23
C HIS A 87 -20.37 -3.56 13.94
N PHE A 88 -19.58 -4.33 13.19
CA PHE A 88 -18.39 -4.96 13.77
C PHE A 88 -17.13 -4.27 13.25
N ARG A 89 -16.27 -3.89 14.18
CA ARG A 89 -15.03 -3.19 13.85
C ARG A 89 -14.12 -4.02 12.95
N ASP A 90 -14.18 -5.33 13.10
CA ASP A 90 -13.35 -6.26 12.33
C ASP A 90 -14.25 -7.28 11.66
N HIS A 91 -13.70 -8.22 10.90
CA HIS A 91 -14.53 -9.30 10.38
C HIS A 91 -14.35 -10.51 11.27
N TYR A 92 -13.44 -10.36 12.23
CA TYR A 92 -13.18 -11.38 13.23
CA TYR A 92 -13.19 -11.39 13.23
C TYR A 92 -14.22 -11.29 14.33
N TYR A 93 -14.73 -10.08 14.54
CA TYR A 93 -15.79 -9.84 15.52
C TYR A 93 -17.09 -10.42 15.01
N LEU A 94 -17.23 -10.52 13.69
CA LEU A 94 -18.35 -11.23 13.10
C LEU A 94 -18.29 -12.69 13.45
N ILE A 95 -17.09 -13.27 13.34
CA ILE A 95 -16.87 -14.66 13.68
C ILE A 95 -17.14 -14.92 15.16
N GLN A 96 -16.66 -14.01 16.01
CA GLN A 96 -16.94 -14.09 17.45
C GLN A 96 -18.44 -14.04 17.72
N ALA A 97 -19.15 -13.20 16.97
CA ALA A 97 -20.59 -13.08 17.12
C ALA A 97 -21.33 -14.34 16.67
N LEU A 98 -20.79 -15.00 15.65
CA LEU A 98 -21.38 -16.24 15.14
C LEU A 98 -21.41 -17.34 16.19
N GLN A 99 -20.34 -17.41 16.97
CA GLN A 99 -20.17 -18.43 18.00
C GLN A 99 -20.98 -18.11 19.25
N SER A 100 -22.25 -17.75 19.05
CA SER A 100 -23.14 -17.45 20.16
C SER A 100 -24.56 -17.92 19.87
N ASP A 101 -25.29 -18.27 20.92
CA ASP A 101 -26.68 -18.66 20.77
C ASP A 101 -27.55 -17.41 20.70
N GLY A 102 -27.20 -16.52 19.77
CA GLY A 102 -27.88 -15.24 19.62
C GLY A 102 -29.20 -15.34 18.87
N PRO A 103 -29.52 -14.30 18.07
CA PRO A 103 -30.75 -14.36 17.28
C PRO A 103 -30.61 -15.35 16.13
N SER A 104 -31.72 -15.94 15.68
CA SER A 104 -31.66 -16.91 14.60
C SER A 104 -31.27 -16.26 13.28
N ALA A 105 -31.51 -14.96 13.18
CA ALA A 105 -31.23 -14.21 11.95
C ALA A 105 -30.79 -12.78 12.26
N PHE A 106 -29.58 -12.44 11.82
CA PHE A 106 -29.10 -11.07 12.02
C PHE A 106 -28.24 -10.63 10.85
N ARG A 107 -28.07 -9.31 10.70
CA ARG A 107 -27.28 -8.75 9.61
C ARG A 107 -26.16 -7.89 10.15
N ALA A 108 -24.96 -8.02 9.57
CA ALA A 108 -23.82 -7.27 10.08
C ALA A 108 -23.06 -6.50 8.99
N ILE A 109 -22.58 -5.30 9.35
CA ILE A 109 -21.79 -4.50 8.42
C ILE A 109 -20.35 -4.43 8.92
N PHE A 110 -19.39 -4.66 8.04
CA PHE A 110 -17.99 -4.70 8.47
C PHE A 110 -17.03 -4.42 7.33
N PRO A 111 -15.89 -3.78 7.65
CA PRO A 111 -14.83 -3.51 6.67
C PRO A 111 -13.90 -4.72 6.49
N GLN A 112 -13.43 -4.93 5.26
CA GLN A 112 -12.49 -6.00 4.98
C GLN A 112 -11.15 -5.74 5.67
N THR A 113 -10.26 -6.74 5.65
CA THR A 113 -8.96 -6.59 6.28
C THR A 113 -7.83 -6.96 5.31
N CYS A 114 -6.82 -6.10 5.23
CA CYS A 114 -5.68 -6.32 4.34
C CYS A 114 -4.77 -7.44 4.85
N PRO A 115 -4.76 -8.57 4.13
CA PRO A 115 -4.02 -9.79 4.51
C PRO A 115 -2.54 -9.58 4.78
N GLU A 116 -1.94 -8.59 4.12
CA GLU A 116 -0.50 -8.38 4.21
C GLU A 116 -0.14 -7.39 5.33
N THR A 117 -1.14 -6.71 5.87
CA THR A 117 -0.90 -5.71 6.90
C THR A 117 -1.75 -5.96 8.15
N GLY A 118 -2.93 -6.54 7.94
CA GLY A 118 -3.84 -6.77 9.05
C GLY A 118 -4.62 -5.52 9.40
N GLN A 119 -4.53 -4.50 8.54
CA GLN A 119 -5.25 -3.25 8.76
C GLN A 119 -6.62 -3.30 8.11
N THR A 120 -7.60 -2.65 8.73
CA THR A 120 -8.91 -2.50 8.10
C THR A 120 -8.86 -1.40 7.04
N LEU A 121 -9.47 -1.66 5.88
CA LEU A 121 -9.27 -0.79 4.73
C LEU A 121 -10.55 -0.25 4.10
N LYS A 122 -11.47 0.23 4.93
CA LYS A 122 -12.81 0.62 4.48
C LYS A 122 -13.44 -0.54 3.72
N HIS A 123 -13.92 -0.29 2.50
CA HIS A 123 -14.53 -1.32 1.67
C HIS A 123 -15.50 -2.21 2.47
N HIS A 124 -16.55 -1.62 3.02
CA HIS A 124 -17.45 -2.38 3.88
C HIS A 124 -18.38 -3.26 3.08
N VAL A 125 -18.81 -4.34 3.72
CA VAL A 125 -19.80 -5.23 3.15
C VAL A 125 -20.84 -5.57 4.21
N MET A 126 -21.95 -6.13 3.77
CA MET A 126 -23.01 -6.54 4.68
C MET A 126 -23.18 -8.05 4.59
N ALA A 127 -23.58 -8.66 5.70
CA ALA A 127 -23.71 -10.10 5.79
C ALA A 127 -25.04 -10.45 6.42
N ASP A 128 -25.91 -11.06 5.61
CA ASP A 128 -27.17 -11.61 6.06
C ASP A 128 -26.92 -13.02 6.60
N VAL A 129 -27.13 -13.20 7.90
CA VAL A 129 -26.73 -14.42 8.57
C VAL A 129 -27.89 -15.15 9.23
N ARG A 130 -27.95 -16.46 8.99
CA ARG A 130 -28.84 -17.35 9.72
C ARG A 130 -28.03 -18.32 10.56
N LEU A 131 -28.44 -18.55 11.79
CA LEU A 131 -27.77 -19.50 12.65
C LEU A 131 -28.58 -20.78 12.70
N HIS A 132 -27.93 -21.90 13.00
CA HIS A 132 -28.64 -23.17 12.99
C HIS A 132 -28.23 -24.10 14.14
N ALA A 136 -24.32 -25.30 12.34
CA ALA A 136 -23.74 -24.96 11.03
C ALA A 136 -24.41 -23.71 10.45
N PRO A 137 -23.82 -22.53 10.72
CA PRO A 137 -24.35 -21.22 10.29
C PRO A 137 -24.29 -20.99 8.78
N THR A 138 -25.19 -20.16 8.26
CA THR A 138 -25.16 -19.78 6.85
C THR A 138 -25.00 -18.27 6.67
N ILE A 139 -24.01 -17.90 5.86
CA ILE A 139 -23.65 -16.51 5.67
C ILE A 139 -23.84 -16.04 4.22
N ILE A 140 -24.46 -14.87 4.08
CA ILE A 140 -24.61 -14.26 2.76
C ILE A 140 -24.00 -12.87 2.73
N ILE A 141 -22.81 -12.75 2.15
CA ILE A 141 -22.14 -11.47 1.97
C ILE A 141 -22.63 -10.79 0.70
N THR A 142 -23.14 -9.57 0.80
CA THR A 142 -23.56 -8.83 -0.40
C THR A 142 -22.53 -7.77 -0.77
N GLU A 143 -22.06 -7.83 -2.01
CA GLU A 143 -21.11 -6.87 -2.54
C GLU A 143 -21.79 -5.78 -3.36
N PRO A 144 -21.81 -4.54 -2.84
CA PRO A 144 -22.41 -3.41 -3.54
C PRO A 144 -21.66 -3.06 -4.83
N ALA A 145 -20.35 -3.27 -4.82
CA ALA A 145 -19.52 -2.99 -5.99
C ALA A 145 -19.21 -4.26 -6.80
N VAL A 146 -17.93 -4.65 -6.82
CA VAL A 146 -17.51 -5.84 -7.56
C VAL A 146 -16.63 -6.75 -6.70
N ILE A 147 -16.63 -8.04 -7.01
CA ILE A 147 -15.88 -9.02 -6.25
C ILE A 147 -14.37 -8.93 -6.48
N VAL A 148 -13.98 -8.78 -7.74
CA VAL A 148 -12.57 -8.77 -8.09
C VAL A 148 -11.90 -7.46 -7.70
N GLY A 149 -12.28 -6.37 -8.37
CA GLY A 149 -11.71 -5.07 -8.07
C GLY A 149 -10.72 -4.66 -9.14
N ALA A 150 -10.07 -3.52 -8.94
CA ALA A 150 -9.16 -2.95 -9.92
C ALA A 150 -7.90 -3.80 -10.10
N ARG A 151 -7.17 -3.99 -8.99
CA ARG A 151 -5.95 -4.78 -9.00
C ARG A 151 -6.11 -6.09 -8.25
N TYR A 152 -7.25 -6.74 -8.45
CA TYR A 152 -7.57 -8.03 -7.81
C TYR A 152 -7.51 -7.96 -6.28
N GLN A 153 -7.79 -6.79 -5.73
CA GLN A 153 -7.66 -6.53 -4.30
C GLN A 153 -8.85 -7.04 -3.50
N GLN A 154 -10.04 -6.63 -3.93
CA GLN A 154 -11.29 -7.06 -3.31
C GLN A 154 -11.38 -8.57 -3.32
N LEU A 155 -10.83 -9.18 -4.37
CA LEU A 155 -10.81 -10.64 -4.49
C LEU A 155 -10.04 -11.29 -3.34
N GLN A 156 -8.78 -10.89 -3.14
CA GLN A 156 -7.96 -11.54 -2.13
C GLN A 156 -8.42 -11.16 -0.72
N ARG A 157 -9.06 -10.00 -0.61
CA ARG A 157 -9.61 -9.61 0.68
C ARG A 157 -10.80 -10.48 1.05
N HIS A 158 -11.71 -10.65 0.08
CA HIS A 158 -12.82 -11.58 0.22
C HIS A 158 -12.26 -12.95 0.54
N ASN A 159 -11.13 -13.28 -0.07
CA ASN A 159 -10.47 -14.55 0.22
C ASN A 159 -10.07 -14.66 1.69
N LEU A 160 -9.51 -13.58 2.24
CA LEU A 160 -9.16 -13.61 3.66
C LEU A 160 -10.40 -13.84 4.52
N THR A 161 -11.45 -13.06 4.25
CA THR A 161 -12.69 -13.21 5.01
C THR A 161 -13.22 -14.65 4.96
N LEU A 162 -13.29 -15.20 3.76
CA LEU A 162 -13.79 -16.56 3.55
C LEU A 162 -12.94 -17.61 4.26
N GLU A 163 -11.62 -17.44 4.21
CA GLU A 163 -10.72 -18.39 4.86
C GLU A 163 -10.92 -18.38 6.36
N ASP A 164 -11.08 -17.17 6.91
CA ASP A 164 -11.26 -17.05 8.35
C ASP A 164 -12.62 -17.62 8.80
N LEU A 165 -13.66 -17.33 8.02
CA LEU A 165 -14.97 -17.91 8.26
C LEU A 165 -14.89 -19.43 8.21
N SER A 166 -14.01 -19.93 7.34
CA SER A 166 -13.86 -21.36 7.13
C SER A 166 -13.18 -22.05 8.32
N GLU A 167 -12.05 -21.51 8.77
CA GLU A 167 -11.40 -22.09 9.95
C GLU A 167 -12.17 -21.76 11.22
N SER A 168 -13.13 -20.86 11.13
CA SER A 168 -14.02 -20.60 12.27
C SER A 168 -14.84 -21.86 12.51
N GLY A 169 -15.18 -22.54 11.43
CA GLY A 169 -15.95 -23.76 11.49
C GLY A 169 -17.03 -23.80 10.43
N VAL A 170 -17.40 -22.60 9.96
CA VAL A 170 -18.40 -22.46 8.91
C VAL A 170 -17.90 -23.00 7.58
N PRO A 171 -18.58 -24.03 7.04
CA PRO A 171 -18.29 -24.59 5.72
C PRO A 171 -18.45 -23.57 4.60
N LEU A 172 -17.45 -23.45 3.74
CA LEU A 172 -17.49 -22.46 2.66
C LEU A 172 -18.60 -22.74 1.64
N SER A 173 -19.09 -23.97 1.60
CA SER A 173 -20.20 -24.32 0.72
C SER A 173 -21.50 -23.71 1.23
N GLN A 174 -21.43 -23.03 2.37
CA GLN A 174 -22.62 -22.43 2.97
C GLN A 174 -22.51 -20.91 3.06
N VAL A 175 -21.48 -20.35 2.43
CA VAL A 175 -21.30 -18.91 2.34
C VAL A 175 -21.50 -18.46 0.90
N ALA A 176 -22.12 -17.31 0.70
CA ALA A 176 -22.35 -16.81 -0.66
C ALA A 176 -22.10 -15.32 -0.78
N ILE A 177 -21.20 -14.92 -1.66
CA ILE A 177 -20.97 -13.51 -1.98
C ILE A 177 -21.71 -13.11 -3.24
N ILE A 178 -22.58 -12.11 -3.12
CA ILE A 178 -23.43 -11.70 -4.23
C ILE A 178 -23.05 -10.33 -4.76
N GLU A 179 -22.45 -10.30 -5.93
CA GLU A 179 -22.05 -9.05 -6.55
C GLU A 179 -23.25 -8.39 -7.23
N THR A 180 -23.54 -7.14 -6.86
CA THR A 180 -24.71 -6.45 -7.40
C THR A 180 -24.33 -5.44 -8.47
N GLN A 181 -23.14 -4.86 -8.33
CA GLN A 181 -22.65 -3.84 -9.25
C GLN A 181 -23.61 -2.66 -9.35
N ALA A 182 -24.40 -2.44 -8.31
CA ALA A 182 -25.30 -1.31 -8.28
C ALA A 182 -24.53 -0.04 -7.97
N GLN A 183 -23.50 -0.17 -7.14
CA GLN A 183 -22.65 0.96 -6.78
C GLN A 183 -21.54 1.12 -7.79
N LYS A 184 -21.37 2.35 -8.27
CA LYS A 184 -20.35 2.63 -9.27
C LYS A 184 -19.24 3.51 -8.69
N THR A 185 -19.50 4.11 -7.53
CA THR A 185 -18.52 4.97 -6.88
C THR A 185 -17.70 4.16 -5.90
N SER A 186 -16.57 4.72 -5.46
CA SER A 186 -15.71 4.05 -4.50
C SER A 186 -15.89 4.61 -3.10
N ASP A 187 -16.86 5.50 -2.94
CA ASP A 187 -17.00 6.25 -1.70
C ASP A 187 -18.17 5.75 -0.84
N ASP A 188 -19.20 5.22 -1.50
CA ASP A 188 -20.48 4.96 -0.83
C ASP A 188 -20.66 3.51 -0.39
N CYS A 189 -19.59 2.88 0.08
CA CYS A 189 -19.65 1.48 0.52
C CYS A 189 -20.63 1.27 1.67
N VAL A 190 -20.49 2.10 2.70
CA VAL A 190 -21.23 1.92 3.94
C VAL A 190 -22.72 2.20 3.76
N MET A 191 -23.07 3.21 2.98
CA MET A 191 -24.47 3.54 2.77
C MET A 191 -25.16 2.44 1.97
N TYR A 192 -24.46 1.94 0.96
CA TYR A 192 -24.99 0.83 0.18
C TYR A 192 -25.17 -0.38 1.08
N SER A 193 -24.20 -0.62 1.96
CA SER A 193 -24.30 -1.73 2.90
C SER A 193 -25.52 -1.58 3.83
N LEU A 194 -25.78 -0.35 4.26
CA LEU A 194 -26.88 -0.06 5.17
C LEU A 194 -28.24 -0.26 4.50
N ASN A 195 -28.40 0.37 3.34
CA ASN A 195 -29.62 0.21 2.56
C ASN A 195 -29.85 -1.25 2.23
N TYR A 196 -28.76 -1.98 1.99
CA TYR A 196 -28.84 -3.39 1.68
C TYR A 196 -29.24 -4.23 2.91
N ALA A 197 -28.84 -3.77 4.10
CA ALA A 197 -29.28 -4.41 5.34
C ALA A 197 -30.78 -4.23 5.52
N ILE A 198 -31.23 -2.98 5.43
CA ILE A 198 -32.65 -2.67 5.57
C ILE A 198 -33.49 -3.44 4.56
N LYS A 199 -33.00 -3.51 3.33
CA LYS A 199 -33.70 -4.20 2.26
C LYS A 199 -33.67 -5.71 2.45
N ALA A 200 -32.59 -6.21 3.04
CA ALA A 200 -32.47 -7.63 3.35
C ALA A 200 -33.47 -8.02 4.42
N HIS A 201 -33.73 -7.09 5.35
CA HIS A 201 -34.78 -7.31 6.35
C HIS A 201 -36.17 -7.24 5.72
N LYS A 202 -36.39 -6.22 4.89
CA LYS A 202 -37.68 -6.04 4.23
C LYS A 202 -38.00 -7.20 3.30
N ASN A 203 -36.97 -7.82 2.72
CA ASN A 203 -37.16 -8.97 1.83
C ASN A 203 -36.69 -10.27 2.47
N ALA A 204 -37.14 -10.51 3.70
CA ALA A 204 -36.66 -11.63 4.50
C ALA A 204 -36.95 -13.00 3.88
N ALA A 205 -38.08 -13.11 3.18
CA ALA A 205 -38.53 -14.39 2.64
C ALA A 205 -37.54 -15.00 1.64
N GLN A 206 -37.17 -14.22 0.64
CA GLN A 206 -36.28 -14.73 -0.41
C GLN A 206 -34.94 -15.12 0.17
N PHE A 207 -34.46 -14.32 1.12
CA PHE A 207 -33.22 -14.62 1.82
C PHE A 207 -33.35 -15.92 2.60
N ASP A 208 -34.52 -16.16 3.19
CA ASP A 208 -34.78 -17.42 3.86
C ASP A 208 -34.70 -18.58 2.87
N ASP A 209 -35.17 -18.33 1.65
CA ASP A 209 -35.06 -19.33 0.59
C ASP A 209 -33.60 -19.63 0.28
N ILE A 210 -32.83 -18.57 0.08
CA ILE A 210 -31.41 -18.70 -0.24
C ILE A 210 -30.68 -19.47 0.85
N HIS A 211 -31.08 -19.23 2.10
CA HIS A 211 -30.43 -19.89 3.22
C HIS A 211 -30.82 -21.36 3.31
N HIS A 212 -32.10 -21.65 3.07
CA HIS A 212 -32.54 -23.05 3.01
C HIS A 212 -31.75 -23.79 1.94
N GLY A 213 -31.45 -23.10 0.85
CA GLY A 213 -30.63 -23.66 -0.19
C GLY A 213 -29.20 -23.92 0.28
N LEU A 214 -28.61 -22.90 0.89
CA LEU A 214 -27.22 -22.95 1.34
C LEU A 214 -26.98 -23.98 2.44
N GLN A 215 -28.03 -24.30 3.19
CA GLN A 215 -27.90 -25.30 4.25
C GLN A 215 -27.48 -26.63 3.63
N HIS A 216 -27.99 -26.91 2.45
CA HIS A 216 -27.60 -28.10 1.70
C HIS A 216 -26.47 -27.79 0.71
N GLY A 217 -25.82 -26.65 0.89
CA GLY A 217 -24.62 -26.33 0.15
C GLY A 217 -24.79 -25.90 -1.29
N THR A 218 -25.97 -25.43 -1.66
CA THR A 218 -26.18 -25.02 -3.05
C THR A 218 -26.76 -23.62 -3.17
N LEU A 219 -26.56 -23.02 -4.33
CA LEU A 219 -27.08 -21.69 -4.65
C LEU A 219 -27.85 -21.67 -5.97
N SER A 220 -29.05 -21.09 -5.95
CA SER A 220 -29.95 -21.08 -7.10
C SER A 220 -29.34 -20.41 -8.33
N THR A 221 -29.41 -21.10 -9.48
CA THR A 221 -28.97 -20.56 -10.77
C THR A 221 -27.57 -19.97 -10.76
N GLU A 222 -26.73 -20.46 -9.86
CA GLU A 222 -25.36 -19.96 -9.77
C GLU A 222 -24.60 -20.20 -11.08
N SER A 223 -24.89 -21.33 -11.71
CA SER A 223 -24.20 -21.76 -12.93
C SER A 223 -24.23 -20.72 -14.05
N GLU A 224 -25.38 -20.08 -14.24
CA GLU A 224 -25.53 -19.01 -15.21
C GLU A 224 -25.10 -17.68 -14.60
N SER A 225 -25.45 -17.48 -13.34
CA SER A 225 -25.35 -16.17 -12.71
C SER A 225 -23.97 -15.85 -12.17
N ARG A 226 -23.12 -16.85 -12.02
CA ARG A 226 -21.76 -16.56 -11.54
C ARG A 226 -20.92 -15.98 -12.67
N ALA A 227 -21.25 -16.34 -13.91
CA ALA A 227 -20.53 -15.85 -15.07
C ALA A 227 -20.77 -14.35 -15.29
N ARG A 228 -21.93 -13.88 -14.87
CA ARG A 228 -22.32 -12.49 -15.10
C ARG A 228 -21.62 -11.51 -14.16
N THR A 229 -20.82 -12.04 -13.22
CA THR A 229 -20.04 -11.22 -12.31
C THR A 229 -18.60 -11.07 -12.79
N THR A 230 -17.89 -10.12 -12.23
CA THR A 230 -16.48 -9.90 -12.55
C THR A 230 -15.71 -11.17 -12.20
N LEU A 231 -16.10 -11.77 -11.09
CA LEU A 231 -15.52 -13.02 -10.64
C LEU A 231 -15.65 -14.09 -11.71
N GLY A 232 -16.79 -14.08 -12.41
CA GLY A 232 -17.03 -15.03 -13.46
C GLY A 232 -16.10 -14.82 -14.65
N ALA A 233 -15.92 -13.56 -15.04
CA ALA A 233 -15.04 -13.24 -16.15
C ALA A 233 -13.60 -13.63 -15.82
N LEU A 234 -13.21 -13.46 -14.57
CA LEU A 234 -11.85 -13.83 -14.18
C LEU A 234 -11.68 -15.34 -14.10
N GLU A 235 -12.71 -16.04 -13.64
CA GLU A 235 -12.66 -17.50 -13.52
C GLU A 235 -12.69 -18.16 -14.90
N ALA A 236 -13.30 -17.48 -15.85
CA ALA A 236 -13.39 -17.97 -17.22
C ALA A 236 -12.16 -17.56 -18.05
N SER A 237 -11.48 -16.49 -17.63
CA SER A 237 -10.31 -16.03 -18.37
C SER A 237 -9.04 -16.65 -17.80
N SER A 238 -9.12 -17.18 -16.59
CA SER A 238 -7.94 -17.72 -15.94
C SER A 238 -7.95 -19.24 -15.89
N SER A 239 -9.13 -19.83 -15.66
CA SER A 239 -9.27 -21.28 -15.56
C SER A 239 -8.37 -21.89 -14.46
N TYR A 240 -8.34 -21.21 -13.32
CA TYR A 240 -7.75 -21.73 -12.09
C TYR A 240 -8.45 -21.00 -10.94
N SER A 241 -8.55 -21.64 -9.79
CA SER A 241 -9.30 -21.06 -8.69
C SER A 241 -8.70 -19.75 -8.19
N VAL A 242 -9.47 -18.67 -8.32
CA VAL A 242 -8.99 -17.37 -7.91
C VAL A 242 -9.61 -16.97 -6.57
N MET A 243 -10.83 -17.43 -6.34
CA MET A 243 -11.49 -17.29 -5.05
C MET A 243 -11.63 -18.68 -4.46
N HIS A 244 -11.72 -18.76 -3.13
CA HIS A 244 -11.62 -20.03 -2.43
C HIS A 244 -12.59 -21.13 -2.87
N GLU A 245 -12.06 -22.35 -2.91
CA GLU A 245 -12.80 -23.54 -3.29
C GLU A 245 -13.97 -23.78 -2.38
N GLY A 246 -15.19 -23.68 -2.91
CA GLY A 246 -16.37 -23.96 -2.13
C GLY A 246 -17.35 -22.82 -2.04
N ALA A 247 -16.83 -21.61 -1.82
CA ALA A 247 -17.65 -20.42 -1.65
C ALA A 247 -18.48 -20.09 -2.90
N HIS A 248 -19.78 -19.86 -2.71
CA HIS A 248 -20.67 -19.59 -3.83
C HIS A 248 -20.70 -18.10 -4.17
N ALA A 249 -21.11 -17.78 -5.40
CA ALA A 249 -21.23 -16.40 -5.83
C ALA A 249 -22.21 -16.26 -7.00
N ALA A 250 -22.85 -15.10 -7.09
CA ALA A 250 -23.84 -14.84 -8.14
C ALA A 250 -24.08 -13.35 -8.33
N PHE A 251 -24.71 -13.00 -9.44
CA PHE A 251 -25.08 -11.63 -9.74
C PHE A 251 -26.41 -11.26 -9.09
N GLY A 252 -26.45 -10.11 -8.42
CA GLY A 252 -27.62 -9.69 -7.66
C GLY A 252 -28.95 -9.70 -8.37
N ALA A 253 -28.96 -9.35 -9.66
CA ALA A 253 -30.21 -9.20 -10.41
C ALA A 253 -30.96 -10.51 -10.58
N ASP A 254 -30.27 -11.63 -10.37
CA ASP A 254 -30.88 -12.93 -10.58
C ASP A 254 -31.37 -13.56 -9.28
N VAL A 255 -30.80 -13.11 -8.16
CA VAL A 255 -31.11 -13.73 -6.87
C VAL A 255 -31.68 -12.74 -5.85
N LEU A 256 -31.49 -11.45 -6.09
CA LEU A 256 -32.02 -10.44 -5.16
C LEU A 256 -33.21 -9.72 -5.78
N PRO A 257 -34.11 -9.20 -4.93
CA PRO A 257 -35.25 -8.42 -5.42
C PRO A 257 -34.82 -7.05 -5.94
N VAL A 258 -35.74 -6.34 -6.60
CA VAL A 258 -35.43 -5.07 -7.25
C VAL A 258 -34.99 -4.00 -6.23
N ASP A 259 -35.33 -4.20 -4.97
CA ASP A 259 -35.01 -3.25 -3.91
C ASP A 259 -33.51 -2.91 -3.84
N PHE A 260 -32.68 -3.85 -4.25
CA PHE A 260 -31.24 -3.70 -4.15
C PHE A 260 -30.66 -2.87 -5.28
N TYR A 261 -31.50 -2.51 -6.24
CA TYR A 261 -31.05 -1.73 -7.39
C TYR A 261 -31.68 -0.35 -7.44
N LYS A 262 -32.42 -0.01 -6.39
CA LYS A 262 -33.08 1.29 -6.33
C LYS A 262 -32.06 2.42 -6.26
N HIS A 263 -30.84 2.08 -5.86
CA HIS A 263 -29.79 3.06 -5.68
C HIS A 263 -28.66 2.87 -6.68
N GLY A 264 -28.91 2.12 -7.73
CA GLY A 264 -27.94 1.96 -8.79
C GLY A 264 -27.66 3.29 -9.44
N ALA A 265 -26.39 3.64 -9.57
CA ALA A 265 -26.03 4.91 -10.16
C ALA A 265 -26.28 4.89 -11.65
N SER A 266 -26.01 3.75 -12.28
CA SER A 266 -26.10 3.59 -13.73
C SER A 266 -27.54 3.50 -14.25
N LEU A 267 -27.91 4.42 -15.13
CA LEU A 267 -29.21 4.38 -15.79
C LEU A 267 -29.26 3.27 -16.82
N THR A 268 -28.12 3.01 -17.46
CA THR A 268 -28.02 1.91 -18.40
C THR A 268 -28.35 0.60 -17.67
N GLN A 269 -27.89 0.50 -16.42
CA GLN A 269 -28.18 -0.66 -15.60
C GLN A 269 -29.67 -0.79 -15.35
N ALA A 270 -30.32 0.34 -15.08
CA ALA A 270 -31.77 0.36 -14.84
C ALA A 270 -32.53 -0.10 -16.06
N TYR A 271 -32.11 0.40 -17.22
CA TYR A 271 -32.71 0.02 -18.50
C TYR A 271 -32.56 -1.47 -18.76
N TYR A 272 -31.34 -1.95 -18.60
CA TYR A 272 -31.01 -3.35 -18.83
C TYR A 272 -31.71 -4.27 -17.83
N LEU A 273 -32.04 -3.73 -16.67
CA LEU A 273 -32.72 -4.49 -15.63
C LEU A 273 -34.22 -4.57 -15.87
N MET A 274 -34.80 -3.48 -16.38
CA MET A 274 -36.23 -3.49 -16.67
C MET A 274 -36.49 -4.36 -17.89
N LYS A 275 -35.45 -4.57 -18.69
CA LYS A 275 -35.55 -5.36 -19.92
C LYS A 275 -35.42 -6.86 -19.69
N ARG A 276 -35.27 -7.27 -18.44
CA ARG A 276 -35.12 -8.69 -18.14
C ARG A 276 -36.41 -9.46 -18.39
N PRO A 277 -36.29 -10.67 -18.96
CA PRO A 277 -37.39 -11.55 -19.35
C PRO A 277 -38.28 -11.98 -18.18
N ASP A 278 -37.70 -12.21 -17.00
CA ASP A 278 -38.49 -12.62 -15.85
C ASP A 278 -39.30 -11.44 -15.32
N GLY A 279 -38.83 -10.24 -15.63
CA GLY A 279 -39.52 -9.03 -15.26
C GLY A 279 -39.62 -8.82 -13.76
N ARG A 280 -38.59 -9.24 -13.04
CA ARG A 280 -38.56 -9.05 -11.60
C ARG A 280 -38.16 -7.62 -11.29
N MET A 281 -37.39 -7.02 -12.19
CA MET A 281 -36.87 -5.68 -11.98
C MET A 281 -37.68 -4.60 -12.69
N ALA A 282 -38.80 -5.00 -13.28
CA ALA A 282 -39.58 -4.10 -14.12
C ALA A 282 -40.82 -3.58 -13.41
N GLY A 283 -40.96 -3.93 -12.14
CA GLY A 283 -42.12 -3.51 -11.37
C GLY A 283 -41.99 -2.10 -10.82
N ARG A 284 -42.84 -1.80 -9.84
CA ARG A 284 -42.85 -0.51 -9.17
C ARG A 284 -41.90 -0.55 -7.97
N VAL A 285 -41.12 0.52 -7.76
CA VAL A 285 -40.08 0.51 -6.74
C VAL A 285 -40.35 1.44 -5.55
N ASN A 286 -41.45 2.17 -5.60
CA ASN A 286 -41.86 2.99 -4.45
C ASN A 286 -43.08 2.35 -3.78
N SER A 287 -43.36 2.75 -2.55
CA SER A 287 -44.48 2.16 -1.80
C SER A 287 -45.78 2.36 -2.56
N GLU A 288 -46.72 1.45 -2.38
CA GLU A 288 -47.99 1.49 -3.10
C GLU A 288 -48.84 2.69 -2.67
N GLY A 289 -48.48 3.30 -1.54
CA GLY A 289 -49.18 4.47 -1.04
C GLY A 289 -48.74 5.75 -1.73
N HIS A 290 -48.56 5.67 -3.04
CA HIS A 290 -48.14 6.84 -3.81
C HIS A 290 -49.07 7.20 -4.96
N SER A 291 -49.35 8.50 -5.07
CA SER A 291 -50.15 9.03 -6.17
C SER A 291 -49.44 8.79 -7.50
N GLU A 292 -48.17 9.16 -7.54
CA GLU A 292 -47.37 8.91 -8.72
C GLU A 292 -46.53 7.64 -8.54
N ALA A 293 -46.78 6.65 -9.38
CA ALA A 293 -46.01 5.42 -9.34
C ALA A 293 -44.57 5.69 -9.77
N GLU A 294 -43.71 4.69 -9.66
CA GLU A 294 -42.31 4.83 -10.04
C GLU A 294 -41.69 3.45 -10.23
N ASN A 295 -40.89 3.29 -11.28
CA ASN A 295 -40.14 2.05 -11.50
C ASN A 295 -38.66 2.35 -11.36
N LEU A 296 -37.81 1.39 -11.73
CA LEU A 296 -36.36 1.54 -11.55
C LEU A 296 -35.79 2.69 -12.37
N VAL A 297 -36.08 2.68 -13.67
CA VAL A 297 -35.60 3.73 -14.58
C VAL A 297 -36.11 5.11 -14.19
N GLN A 298 -37.40 5.20 -13.86
CA GLN A 298 -38.00 6.47 -13.46
C GLN A 298 -37.35 7.02 -12.20
N ARG A 299 -37.10 6.12 -11.24
CA ARG A 299 -36.45 6.54 -10.01
C ARG A 299 -35.04 7.03 -10.30
N ASN A 300 -34.32 6.28 -11.14
CA ASN A 300 -32.98 6.67 -11.56
C ASN A 300 -32.96 8.06 -12.20
N GLN A 301 -33.96 8.33 -13.03
CA GLN A 301 -34.12 9.62 -13.70
C GLN A 301 -34.50 10.72 -12.71
N ALA A 302 -35.16 10.34 -11.62
CA ALA A 302 -35.59 11.30 -10.61
C ALA A 302 -34.44 11.75 -9.72
N PHE A 303 -33.37 10.97 -9.69
CA PHE A 303 -32.17 11.31 -8.94
C PHE A 303 -30.96 11.48 -9.85
N ARG A 304 -31.22 11.85 -11.11
CA ARG A 304 -30.18 11.97 -12.13
C ARG A 304 -29.43 13.31 -12.10
N VAL A 305 -28.14 13.26 -11.77
CA VAL A 305 -27.31 14.45 -11.73
C VAL A 305 -25.92 14.19 -12.35
N LYS A 306 -25.25 15.26 -12.72
CA LYS A 306 -23.90 15.19 -13.30
C LYS A 306 -22.91 14.77 -12.22
N ARG A 307 -21.70 14.41 -12.61
CA ARG A 307 -20.75 13.87 -11.63
C ARG A 307 -19.45 14.67 -11.60
N ARG A 308 -18.57 14.35 -10.65
CA ARG A 308 -17.65 15.33 -10.09
C ARG A 308 -16.16 15.08 -10.35
N GLU A 309 -15.78 14.86 -11.61
CA GLU A 309 -14.37 14.64 -11.92
C GLU A 309 -13.89 15.71 -12.89
N LEU A 310 -12.97 15.36 -13.79
CA LEU A 310 -12.23 16.43 -14.45
C LEU A 310 -12.80 16.84 -15.78
N LEU A 311 -12.26 17.95 -16.27
CA LEU A 311 -12.62 18.54 -17.56
C LEU A 311 -11.75 18.00 -18.69
N ASP A 312 -10.47 17.79 -18.40
CA ASP A 312 -9.55 17.20 -19.38
C ASP A 312 -9.92 15.76 -19.66
N ASP A 313 -10.34 15.06 -18.61
CA ASP A 313 -10.73 13.67 -18.73
C ASP A 313 -12.25 13.56 -18.69
N GLU A 314 -12.91 14.03 -19.75
CA GLU A 314 -14.36 13.92 -19.85
C GLU A 314 -14.65 12.54 -20.42
N THR A 315 -15.70 11.90 -19.94
CA THR A 315 -15.90 10.48 -20.19
C THR A 315 -16.98 10.15 -21.22
N PRO A 316 -16.90 8.94 -21.84
CA PRO A 316 -17.95 8.53 -22.77
C PRO A 316 -19.14 8.04 -21.97
N SER A 317 -20.32 8.02 -22.60
CA SER A 317 -21.59 7.63 -21.97
C SER A 317 -22.00 8.84 -21.15
N ASN A 318 -23.23 8.88 -20.66
CA ASN A 318 -23.63 10.07 -19.92
C ASN A 318 -22.74 10.21 -18.69
N THR A 319 -22.17 11.39 -18.53
CA THR A 319 -21.34 11.73 -17.39
C THR A 319 -22.17 11.73 -16.11
N GLN A 320 -23.48 11.58 -16.29
CA GLN A 320 -24.43 11.66 -15.20
C GLN A 320 -24.69 10.29 -14.60
N PHE A 321 -25.38 10.30 -13.46
CA PHE A 321 -25.67 9.09 -12.71
C PHE A 321 -26.78 9.38 -11.72
N SER A 322 -27.15 8.38 -10.94
CA SER A 322 -28.17 8.55 -9.92
C SER A 322 -27.54 8.76 -8.55
N ALA A 323 -27.80 9.92 -7.95
CA ALA A 323 -27.25 10.22 -6.63
C ALA A 323 -28.25 9.85 -5.53
N SER A 324 -29.09 8.86 -5.84
CA SER A 324 -30.12 8.36 -4.92
C SER A 324 -29.55 7.92 -3.58
N ILE A 325 -28.37 7.30 -3.62
CA ILE A 325 -27.71 6.83 -2.41
C ILE A 325 -27.37 7.98 -1.45
N ASP A 326 -26.98 9.12 -2.01
CA ASP A 326 -26.69 10.30 -1.20
C ASP A 326 -27.95 10.75 -0.49
N GLY A 327 -29.07 10.69 -1.20
CA GLY A 327 -30.38 10.98 -0.64
C GLY A 327 -30.69 10.00 0.48
N PHE A 328 -30.26 8.76 0.31
CA PHE A 328 -30.40 7.77 1.38
C PHE A 328 -29.61 8.22 2.60
N ARG A 329 -28.41 8.74 2.36
CA ARG A 329 -27.59 9.25 3.46
C ARG A 329 -28.28 10.39 4.22
N LEU A 330 -28.79 11.36 3.46
CA LEU A 330 -29.50 12.49 4.03
C LEU A 330 -30.66 11.98 4.85
N GLN A 331 -31.35 10.97 4.32
CA GLN A 331 -32.46 10.32 5.00
C GLN A 331 -32.04 9.80 6.37
N GLU A 332 -31.00 8.98 6.39
CA GLU A 332 -30.50 8.40 7.63
C GLU A 332 -30.12 9.46 8.64
N ILE A 333 -29.48 10.53 8.16
CA ILE A 333 -29.07 11.60 9.06
C ILE A 333 -30.28 12.33 9.64
N LYS A 334 -31.31 12.57 8.82
CA LYS A 334 -32.55 13.17 9.31
C LYS A 334 -33.17 12.31 10.40
N ARG A 335 -33.19 11.01 10.15
CA ARG A 335 -33.76 10.08 11.11
C ARG A 335 -32.99 10.12 12.43
N VAL A 336 -31.67 10.06 12.36
CA VAL A 336 -30.86 10.10 13.59
C VAL A 336 -31.04 11.41 14.35
N LEU A 337 -30.88 12.53 13.66
CA LEU A 337 -30.96 13.85 14.29
C LEU A 337 -32.34 14.17 14.83
N ALA A 338 -33.37 13.59 14.22
CA ALA A 338 -34.73 13.75 14.73
C ALA A 338 -34.89 12.86 15.96
N ALA A 339 -34.25 11.70 15.91
CA ALA A 339 -34.32 10.71 16.99
C ALA A 339 -33.65 11.18 18.26
N ALA A 340 -32.59 11.97 18.13
CA ALA A 340 -31.84 12.41 19.29
C ALA A 340 -32.53 13.56 20.04
N GLN A 341 -33.17 14.45 19.27
CA GLN A 341 -33.81 15.63 19.83
C GLN A 341 -35.23 15.34 20.33
N GLU B 16 36.09 -17.44 -17.12
CA GLU B 16 36.71 -17.89 -15.88
C GLU B 16 36.53 -16.85 -14.77
N ARG B 17 35.91 -17.25 -13.66
CA ARG B 17 35.75 -16.36 -12.51
C ARG B 17 37.12 -15.96 -11.94
N THR B 18 37.12 -15.22 -10.84
CA THR B 18 38.38 -14.82 -10.22
C THR B 18 38.19 -14.55 -8.72
N GLN B 19 39.13 -13.83 -8.12
CA GLN B 19 39.10 -13.64 -6.67
C GLN B 19 38.09 -12.59 -6.20
N SER B 20 37.27 -13.01 -5.23
CA SER B 20 36.32 -12.13 -4.54
C SER B 20 36.41 -12.44 -3.05
N MET B 21 36.71 -11.41 -2.25
CA MET B 21 36.96 -11.54 -0.81
C MET B 21 36.17 -12.64 -0.09
N ARG B 22 34.85 -12.56 -0.18
CA ARG B 22 33.97 -13.50 0.51
C ARG B 22 34.13 -14.90 -0.03
N LEU B 23 33.93 -15.04 -1.33
CA LEU B 23 34.01 -16.33 -1.99
C LEU B 23 35.42 -16.93 -1.89
N GLN B 24 36.43 -16.07 -2.01
CA GLN B 24 37.81 -16.52 -1.89
C GLN B 24 38.04 -17.05 -0.47
N GLN B 25 37.46 -16.37 0.50
CA GLN B 25 37.53 -16.78 1.89
C GLN B 25 36.89 -18.16 2.09
N LYS B 26 35.76 -18.38 1.41
CA LYS B 26 35.09 -19.69 1.44
C LYS B 26 35.99 -20.78 0.86
N ILE B 27 36.68 -20.43 -0.22
CA ILE B 27 37.59 -21.36 -0.88
C ILE B 27 38.72 -21.77 0.05
N ASN B 28 39.37 -20.76 0.64
CA ASN B 28 40.45 -21.01 1.58
C ASN B 28 39.99 -21.78 2.80
N ASP B 29 38.73 -21.58 3.17
CA ASP B 29 38.13 -22.32 4.27
C ASP B 29 37.98 -23.80 3.91
N LEU B 30 37.61 -24.07 2.66
CA LEU B 30 37.36 -25.47 2.24
C LEU B 30 38.63 -26.26 1.92
N LYS B 31 39.65 -25.59 1.37
CA LYS B 31 40.84 -26.27 0.84
C LYS B 31 41.48 -27.39 1.71
N PRO B 32 41.67 -27.15 3.03
CA PRO B 32 42.26 -28.23 3.84
C PRO B 32 41.43 -29.49 3.84
N TYR B 33 40.14 -29.32 4.07
CA TYR B 33 39.20 -30.42 4.11
C TYR B 33 39.25 -31.27 2.86
N VAL B 34 39.42 -30.61 1.71
CA VAL B 34 39.54 -31.34 0.46
C VAL B 34 40.91 -32.03 0.35
N ARG B 35 41.97 -31.32 0.72
CA ARG B 35 43.31 -31.88 0.61
C ARG B 35 43.53 -33.02 1.60
N HIS B 36 42.59 -33.22 2.52
CA HIS B 36 42.68 -34.33 3.47
C HIS B 36 41.53 -35.32 3.31
N ALA B 37 40.56 -34.97 2.46
CA ALA B 37 39.43 -35.86 2.19
C ALA B 37 39.86 -37.08 1.38
N ARG B 38 39.13 -38.16 1.52
CA ARG B 38 39.40 -39.38 0.77
C ARG B 38 38.10 -39.93 0.18
N GLY B 39 38.22 -40.63 -0.94
CA GLY B 39 37.06 -41.18 -1.63
C GLY B 39 36.65 -40.36 -2.85
N PRO B 40 35.44 -40.61 -3.36
CA PRO B 40 34.92 -39.94 -4.57
C PRO B 40 34.55 -38.48 -4.31
N ILE B 41 34.38 -38.12 -3.04
CA ILE B 41 33.95 -36.79 -2.66
C ILE B 41 35.06 -35.75 -2.79
N LYS B 42 36.30 -36.20 -2.71
CA LYS B 42 37.46 -35.31 -2.83
C LYS B 42 37.49 -34.66 -4.21
N ALA B 43 37.15 -35.43 -5.23
CA ALA B 43 37.09 -34.93 -6.59
C ALA B 43 36.03 -33.85 -6.74
N TYR B 44 34.87 -34.09 -6.12
CA TYR B 44 33.75 -33.16 -6.14
C TYR B 44 34.10 -31.84 -5.45
N GLY B 45 34.72 -31.95 -4.28
CA GLY B 45 35.10 -30.78 -3.52
C GLY B 45 36.16 -29.98 -4.24
N GLN B 46 37.12 -30.68 -4.84
CA GLN B 46 38.17 -30.02 -5.62
C GLN B 46 37.59 -29.30 -6.84
N ALA B 47 36.70 -29.97 -7.55
CA ALA B 47 36.03 -29.40 -8.72
C ALA B 47 35.22 -28.19 -8.31
N ALA B 48 34.64 -28.23 -7.13
CA ALA B 48 33.88 -27.10 -6.61
C ALA B 48 34.84 -25.94 -6.31
N LEU B 49 36.00 -26.26 -5.75
CA LEU B 49 37.02 -25.25 -5.47
C LEU B 49 37.47 -24.57 -6.75
N ASP B 50 37.70 -25.35 -7.79
CA ASP B 50 38.06 -24.81 -9.10
C ASP B 50 36.95 -23.93 -9.63
N ARG B 51 35.72 -24.44 -9.56
CA ARG B 51 34.53 -23.70 -9.97
C ARG B 51 34.44 -22.32 -9.33
N ALA B 52 34.55 -22.26 -8.00
CA ALA B 52 34.48 -21.00 -7.29
C ALA B 52 35.67 -20.09 -7.58
N SER B 53 36.88 -20.64 -7.47
CA SER B 53 38.12 -19.89 -7.63
C SER B 53 38.24 -19.24 -8.99
N GLY B 54 37.50 -19.77 -9.96
CA GLY B 54 37.52 -19.21 -11.29
C GLY B 54 38.24 -20.06 -12.31
N ALA B 55 38.36 -21.35 -12.02
CA ALA B 55 38.96 -22.27 -12.97
C ALA B 55 37.84 -22.79 -13.86
N ALA B 56 38.20 -23.60 -14.85
CA ALA B 56 37.21 -24.12 -15.79
C ALA B 56 36.54 -25.39 -15.25
N THR B 57 35.26 -25.58 -15.60
CA THR B 57 34.48 -26.74 -15.15
C THR B 57 34.00 -27.62 -16.31
N SER B 58 34.60 -28.80 -16.45
CA SER B 58 34.32 -29.71 -17.58
C SER B 58 33.10 -30.59 -17.36
N VAL B 59 33.14 -31.37 -16.29
CA VAL B 59 32.04 -32.24 -15.93
C VAL B 59 30.86 -31.35 -15.52
N SER B 60 29.63 -31.84 -15.70
CA SER B 60 28.45 -31.09 -15.31
C SER B 60 28.21 -31.16 -13.81
N PHE B 61 27.96 -29.99 -13.21
CA PHE B 61 27.78 -29.91 -11.77
C PHE B 61 26.36 -30.31 -11.37
N ALA B 62 25.45 -30.38 -12.33
CA ALA B 62 24.11 -30.89 -12.02
C ALA B 62 24.21 -32.36 -11.60
N GLU B 63 25.04 -33.11 -12.31
CA GLU B 63 25.21 -34.53 -12.03
C GLU B 63 26.03 -34.74 -10.78
N LEU B 64 27.10 -33.96 -10.62
CA LEU B 64 27.93 -34.06 -9.42
C LEU B 64 27.12 -33.74 -8.17
N ASP B 65 26.46 -32.58 -8.17
CA ASP B 65 25.62 -32.20 -7.05
C ASP B 65 24.56 -33.24 -6.77
N ALA B 66 23.92 -33.73 -7.84
CA ALA B 66 22.92 -34.78 -7.69
C ALA B 66 23.49 -35.98 -6.95
N THR B 67 24.72 -36.35 -7.32
CA THR B 67 25.39 -37.48 -6.68
C THR B 67 25.67 -37.22 -5.21
N HIS B 68 26.25 -36.07 -4.90
CA HIS B 68 26.68 -35.81 -3.53
C HIS B 68 25.66 -35.02 -2.74
N LEU B 69 24.39 -35.13 -3.14
CA LEU B 69 23.33 -34.41 -2.45
C LEU B 69 23.00 -35.06 -1.11
N ASP B 70 23.07 -36.38 -1.05
CA ASP B 70 22.63 -37.12 0.13
C ASP B 70 23.35 -36.77 1.42
N ALA B 71 24.67 -36.71 1.39
CA ALA B 71 25.45 -36.41 2.59
C ALA B 71 25.07 -35.03 3.12
N MET B 72 24.74 -34.15 2.18
CA MET B 72 24.34 -32.81 2.51
C MET B 72 22.95 -32.81 3.13
N VAL B 73 22.05 -33.60 2.57
CA VAL B 73 20.69 -33.74 3.09
C VAL B 73 20.70 -34.27 4.52
N TYR B 74 21.53 -35.27 4.74
CA TYR B 74 21.73 -35.90 6.04
C TYR B 74 22.25 -34.88 7.04
N ILE B 75 23.39 -34.27 6.72
CA ILE B 75 24.03 -33.37 7.66
C ILE B 75 23.23 -32.09 7.89
N GLU B 76 22.39 -31.70 6.93
CA GLU B 76 21.53 -30.52 7.09
C GLU B 76 20.29 -30.86 7.90
N ASN B 77 19.79 -32.08 7.73
CA ASN B 77 18.71 -32.57 8.57
C ASN B 77 19.18 -32.62 10.00
N GLN B 78 20.47 -32.93 10.17
CA GLN B 78 21.09 -32.81 11.48
C GLN B 78 21.13 -31.35 11.94
N ARG B 79 21.76 -30.51 11.11
CA ARG B 79 21.95 -29.09 11.40
C ARG B 79 20.67 -28.32 11.67
N ASN B 80 19.65 -28.57 10.87
CA ASN B 80 18.37 -27.90 11.06
C ASN B 80 17.23 -28.88 11.33
N PRO B 81 17.02 -29.21 12.62
CA PRO B 81 15.92 -30.11 13.01
C PRO B 81 14.56 -29.57 12.61
N GLY B 82 13.79 -30.38 11.91
CA GLY B 82 12.50 -29.98 11.40
C GLY B 82 12.54 -29.74 9.90
N LEU B 83 13.74 -29.75 9.34
CA LEU B 83 13.92 -29.57 7.89
C LEU B 83 13.21 -30.65 7.09
N ASN B 84 13.36 -31.89 7.54
CA ASN B 84 12.71 -33.04 6.93
C ASN B 84 12.97 -33.15 5.43
N LEU B 85 14.21 -32.87 5.05
CA LEU B 85 14.58 -32.92 3.64
C LEU B 85 14.81 -34.36 3.18
N LYS B 86 14.25 -34.69 2.03
CA LYS B 86 14.43 -36.01 1.45
C LYS B 86 14.87 -35.91 0.00
N HIS B 87 15.73 -36.82 -0.43
CA HIS B 87 16.15 -36.88 -1.82
C HIS B 87 15.55 -38.09 -2.48
N PHE B 88 14.70 -37.85 -3.47
CA PHE B 88 14.04 -38.93 -4.19
C PHE B 88 14.65 -39.10 -5.57
N ARG B 89 15.07 -40.34 -5.88
CA ARG B 89 15.72 -40.63 -7.16
C ARG B 89 14.77 -40.33 -8.31
N ASP B 90 13.48 -40.48 -8.05
CA ASP B 90 12.47 -40.21 -9.06
C ASP B 90 11.44 -39.23 -8.50
N HIS B 91 10.47 -38.84 -9.32
CA HIS B 91 9.37 -38.05 -8.80
C HIS B 91 8.19 -39.00 -8.56
N TYR B 92 8.39 -40.27 -8.87
CA TYR B 92 7.44 -41.33 -8.56
C TYR B 92 7.57 -41.72 -7.09
N TYR B 93 8.80 -41.71 -6.59
CA TYR B 93 9.06 -42.04 -5.20
C TYR B 93 8.55 -40.93 -4.29
N LEU B 94 8.48 -39.72 -4.83
CA LEU B 94 7.84 -38.61 -4.13
C LEU B 94 6.37 -38.93 -3.91
N ILE B 95 5.73 -39.46 -4.95
CA ILE B 95 4.34 -39.87 -4.87
C ILE B 95 4.20 -40.99 -3.85
N GLN B 96 5.17 -41.90 -3.85
CA GLN B 96 5.18 -42.97 -2.85
C GLN B 96 5.20 -42.38 -1.45
N ALA B 97 5.97 -41.31 -1.29
CA ALA B 97 6.08 -40.63 0.01
C ALA B 97 4.78 -39.92 0.37
N LEU B 98 4.09 -39.40 -0.62
CA LEU B 98 2.81 -38.71 -0.40
C LEU B 98 1.75 -39.63 0.17
N GLN B 99 1.68 -40.84 -0.39
CA GLN B 99 0.68 -41.81 0.02
C GLN B 99 1.09 -42.53 1.29
N SER B 100 1.50 -41.74 2.29
CA SER B 100 1.89 -42.26 3.59
C SER B 100 1.46 -41.28 4.70
N ASP B 101 1.20 -41.81 5.88
CA ASP B 101 0.87 -40.98 7.03
C ASP B 101 2.16 -40.45 7.67
N GLY B 102 2.96 -39.76 6.86
CA GLY B 102 4.27 -39.29 7.30
C GLY B 102 4.23 -38.05 8.16
N PRO B 103 5.25 -37.18 8.01
CA PRO B 103 5.36 -35.92 8.76
C PRO B 103 4.39 -34.87 8.25
N SER B 104 3.97 -33.94 9.11
CA SER B 104 3.01 -32.92 8.71
C SER B 104 3.61 -31.97 7.67
N ALA B 105 4.93 -31.84 7.67
CA ALA B 105 5.61 -30.94 6.74
C ALA B 105 7.00 -31.47 6.38
N PHE B 106 7.22 -31.73 5.10
CA PHE B 106 8.52 -32.21 4.66
C PHE B 106 8.86 -31.63 3.30
N ARG B 107 10.14 -31.63 2.96
CA ARG B 107 10.61 -31.06 1.70
C ARG B 107 11.36 -32.10 0.89
N ALA B 108 11.11 -32.16 -0.42
CA ALA B 108 11.75 -33.18 -1.25
C ALA B 108 12.44 -32.60 -2.47
N ILE B 109 13.59 -33.16 -2.83
CA ILE B 109 14.29 -32.73 -4.03
C ILE B 109 14.28 -33.86 -5.07
N PHE B 110 13.93 -33.52 -6.30
CA PHE B 110 13.77 -34.54 -7.32
C PHE B 110 13.98 -33.99 -8.73
N PRO B 111 14.56 -34.80 -9.61
CA PRO B 111 14.81 -34.41 -11.00
C PRO B 111 13.59 -34.58 -11.91
N GLN B 112 13.44 -33.67 -12.87
CA GLN B 112 12.36 -33.76 -13.85
C GLN B 112 12.55 -35.02 -14.70
N THR B 113 11.54 -35.36 -15.48
CA THR B 113 11.62 -36.54 -16.34
C THR B 113 11.22 -36.23 -17.78
N CYS B 114 12.04 -36.68 -18.73
CA CYS B 114 11.77 -36.43 -20.15
C CYS B 114 10.57 -37.26 -20.60
N PRO B 115 9.45 -36.58 -20.94
CA PRO B 115 8.16 -37.22 -21.27
C PRO B 115 8.22 -38.29 -22.34
N GLU B 116 9.14 -38.17 -23.29
CA GLU B 116 9.22 -39.09 -24.41
C GLU B 116 10.17 -40.26 -24.17
N THR B 117 10.92 -40.23 -23.08
CA THR B 117 11.89 -41.28 -22.79
C THR B 117 11.67 -41.93 -21.41
N GLY B 118 11.13 -41.17 -20.47
CA GLY B 118 10.92 -41.66 -19.12
C GLY B 118 12.20 -41.61 -18.32
N GLN B 119 13.21 -40.97 -18.89
CA GLN B 119 14.50 -40.82 -18.24
C GLN B 119 14.58 -39.51 -17.46
N THR B 120 15.27 -39.55 -16.32
CA THR B 120 15.58 -38.35 -15.57
C THR B 120 16.75 -37.61 -16.21
N LEU B 121 16.64 -36.29 -16.32
CA LEU B 121 17.60 -35.49 -17.08
C LEU B 121 18.20 -34.39 -16.23
N LYS B 122 18.56 -34.76 -15.01
CA LYS B 122 18.95 -33.82 -13.99
C LYS B 122 17.87 -32.76 -13.84
N HIS B 123 18.29 -31.49 -13.94
CA HIS B 123 17.38 -30.36 -13.74
CA HIS B 123 17.44 -30.33 -13.68
C HIS B 123 16.45 -30.57 -12.55
N HIS B 124 16.98 -30.54 -11.34
CA HIS B 124 16.20 -30.83 -10.15
C HIS B 124 15.31 -29.68 -9.70
N VAL B 125 14.24 -30.03 -8.98
CA VAL B 125 13.40 -29.04 -8.35
C VAL B 125 13.14 -29.49 -6.91
N MET B 126 12.71 -28.56 -6.07
CA MET B 126 12.38 -28.89 -4.70
C MET B 126 10.91 -28.58 -4.41
N ALA B 127 10.34 -29.35 -3.49
CA ALA B 127 8.92 -29.26 -3.18
C ALA B 127 8.71 -29.21 -1.67
N ASP B 128 8.19 -28.07 -1.21
CA ASP B 128 7.77 -27.92 0.17
C ASP B 128 6.35 -28.44 0.30
N VAL B 129 6.19 -29.50 1.10
CA VAL B 129 4.94 -30.24 1.17
C VAL B 129 4.34 -30.22 2.56
N ARG B 130 3.03 -29.96 2.62
CA ARG B 130 2.25 -30.13 3.84
C ARG B 130 1.26 -31.27 3.65
N LEU B 131 1.11 -32.12 4.66
CA LEU B 131 0.12 -33.19 4.58
C LEU B 131 -1.09 -32.81 5.43
N HIS B 132 -2.26 -33.33 5.08
CA HIS B 132 -3.49 -32.92 5.76
C HIS B 132 -4.49 -34.06 5.98
N GLN B 133 -5.23 -33.97 7.07
CA GLN B 133 -6.22 -34.98 7.47
C GLN B 133 -7.22 -35.26 6.36
N ALA B 136 -5.61 -34.97 1.70
CA ALA B 136 -5.42 -34.04 0.59
C ALA B 136 -4.17 -33.20 0.78
N PRO B 137 -3.03 -33.68 0.23
CA PRO B 137 -1.72 -33.01 0.38
C PRO B 137 -1.65 -31.68 -0.34
N THR B 138 -0.80 -30.77 0.15
CA THR B 138 -0.55 -29.51 -0.52
C THR B 138 0.93 -29.39 -0.87
N ILE B 139 1.20 -29.13 -2.15
CA ILE B 139 2.56 -29.11 -2.68
C ILE B 139 2.99 -27.77 -3.27
N ILE B 140 4.19 -27.32 -2.92
CA ILE B 140 4.76 -26.12 -3.52
C ILE B 140 6.09 -26.43 -4.17
N ILE B 141 6.07 -26.56 -5.50
CA ILE B 141 7.30 -26.77 -6.26
C ILE B 141 7.93 -25.43 -6.55
N THR B 142 9.20 -25.26 -6.16
CA THR B 142 9.88 -24.00 -6.48
C THR B 142 10.80 -24.20 -7.66
N GLU B 143 10.64 -23.37 -8.69
CA GLU B 143 11.53 -23.42 -9.84
C GLU B 143 12.56 -22.31 -9.70
N PRO B 144 13.81 -22.69 -9.41
CA PRO B 144 14.89 -21.71 -9.22
C PRO B 144 15.16 -20.93 -10.51
N ALA B 145 14.95 -21.59 -11.64
CA ALA B 145 15.16 -20.95 -12.93
C ALA B 145 13.82 -20.44 -13.46
N VAL B 146 13.36 -21.03 -14.56
CA VAL B 146 12.11 -20.63 -15.18
C VAL B 146 11.22 -21.83 -15.47
N ILE B 147 9.91 -21.60 -15.50
CA ILE B 147 8.93 -22.67 -15.70
C ILE B 147 8.89 -23.17 -17.15
N VAL B 148 8.87 -22.23 -18.10
CA VAL B 148 8.74 -22.62 -19.49
C VAL B 148 10.06 -23.17 -20.02
N GLY B 149 11.06 -22.30 -20.14
CA GLY B 149 12.36 -22.71 -20.61
C GLY B 149 12.66 -22.25 -22.03
N ALA B 150 13.79 -22.69 -22.54
CA ALA B 150 14.26 -22.30 -23.87
C ALA B 150 13.40 -22.88 -24.98
N ARG B 151 13.32 -24.20 -25.03
CA ARG B 151 12.53 -24.88 -26.04
C ARG B 151 11.30 -25.52 -25.43
N TYR B 152 10.68 -24.80 -24.49
CA TYR B 152 9.46 -25.25 -23.82
C TYR B 152 9.62 -26.61 -23.15
N GLN B 153 10.83 -26.91 -22.70
CA GLN B 153 11.10 -28.22 -22.11
C GLN B 153 10.62 -28.30 -20.67
N GLN B 154 11.06 -27.36 -19.85
CA GLN B 154 10.62 -27.30 -18.46
C GLN B 154 9.11 -27.21 -18.32
N LEU B 155 8.46 -26.55 -19.27
CA LEU B 155 7.02 -26.46 -19.26
C LEU B 155 6.41 -27.86 -19.34
N GLN B 156 6.80 -28.64 -20.35
CA GLN B 156 6.17 -29.93 -20.51
C GLN B 156 6.62 -30.90 -19.42
N ARG B 157 7.79 -30.65 -18.84
CA ARG B 157 8.28 -31.50 -17.73
C ARG B 157 7.50 -31.26 -16.44
N HIS B 158 7.31 -30.00 -16.10
CA HIS B 158 6.47 -29.61 -14.98
C HIS B 158 5.06 -30.13 -15.21
N ASN B 159 4.64 -30.09 -16.47
CA ASN B 159 3.35 -30.66 -16.84
C ASN B 159 3.28 -32.14 -16.53
N LEU B 160 4.32 -32.88 -16.87
CA LEU B 160 4.38 -34.31 -16.59
C LEU B 160 4.28 -34.56 -15.09
N THR B 161 5.09 -33.84 -14.32
CA THR B 161 5.06 -33.96 -12.88
C THR B 161 3.63 -33.75 -12.36
N LEU B 162 2.99 -32.69 -12.83
CA LEU B 162 1.62 -32.39 -12.43
C LEU B 162 0.65 -33.50 -12.81
N GLU B 163 0.86 -34.12 -13.97
CA GLU B 163 0.01 -35.23 -14.41
C GLU B 163 0.13 -36.41 -13.47
N ASP B 164 1.37 -36.70 -13.06
CA ASP B 164 1.59 -37.81 -12.15
C ASP B 164 1.03 -37.53 -10.75
N LEU B 165 1.24 -36.31 -10.27
CA LEU B 165 0.66 -35.89 -9.00
C LEU B 165 -0.87 -35.98 -9.04
N SER B 166 -1.42 -35.69 -10.21
CA SER B 166 -2.86 -35.66 -10.39
C SER B 166 -3.45 -37.06 -10.39
N GLU B 167 -2.84 -37.98 -11.14
CA GLU B 167 -3.34 -39.36 -11.11
C GLU B 167 -2.99 -40.07 -9.81
N SER B 168 -2.07 -39.48 -9.03
CA SER B 168 -1.76 -39.99 -7.70
C SER B 168 -2.91 -39.77 -6.73
N GLY B 169 -3.62 -38.66 -6.91
CA GLY B 169 -4.73 -38.33 -6.05
C GLY B 169 -4.70 -36.86 -5.66
N VAL B 170 -3.53 -36.25 -5.80
CA VAL B 170 -3.39 -34.84 -5.46
C VAL B 170 -4.21 -33.98 -6.40
N PRO B 171 -5.19 -33.24 -5.87
CA PRO B 171 -5.90 -32.26 -6.69
C PRO B 171 -4.92 -31.23 -7.21
N LEU B 172 -4.92 -30.96 -8.52
CA LEU B 172 -3.97 -30.00 -9.07
C LEU B 172 -4.25 -28.61 -8.55
N SER B 173 -5.44 -28.41 -7.99
CA SER B 173 -5.82 -27.14 -7.39
C SER B 173 -5.09 -26.91 -6.08
N GLN B 174 -4.32 -27.89 -5.65
CA GLN B 174 -3.61 -27.80 -4.38
C GLN B 174 -2.11 -27.84 -4.59
N VAL B 175 -1.70 -27.76 -5.85
CA VAL B 175 -0.28 -27.68 -6.19
C VAL B 175 0.05 -26.30 -6.75
N ALA B 176 1.22 -25.78 -6.38
CA ALA B 176 1.63 -24.47 -6.84
C ALA B 176 3.12 -24.44 -7.20
N ILE B 177 3.43 -24.10 -8.45
CA ILE B 177 4.82 -23.91 -8.84
C ILE B 177 5.20 -22.43 -8.85
N ILE B 178 6.23 -22.10 -8.09
CA ILE B 178 6.70 -20.74 -7.95
C ILE B 178 8.08 -20.55 -8.57
N GLU B 179 8.10 -19.86 -9.69
CA GLU B 179 9.31 -19.52 -10.43
C GLU B 179 9.98 -18.30 -9.80
N THR B 180 11.28 -18.40 -9.51
CA THR B 180 12.00 -17.32 -8.86
C THR B 180 12.88 -16.50 -9.81
N GLN B 181 13.35 -17.14 -10.89
CA GLN B 181 14.25 -16.55 -11.86
C GLN B 181 15.53 -16.03 -11.22
N ALA B 182 15.85 -16.59 -10.05
CA ALA B 182 17.07 -16.23 -9.34
C ALA B 182 18.26 -16.91 -10.00
N GLN B 183 18.01 -18.10 -10.53
CA GLN B 183 19.06 -18.86 -11.17
C GLN B 183 19.23 -18.44 -12.63
N LYS B 184 20.46 -18.13 -13.01
CA LYS B 184 20.76 -17.73 -14.37
C LYS B 184 21.65 -18.78 -15.00
N THR B 185 22.17 -19.68 -14.17
CA THR B 185 23.06 -20.72 -14.65
C THR B 185 22.26 -21.94 -15.00
N SER B 186 22.85 -22.82 -15.81
CA SER B 186 22.20 -24.06 -16.19
C SER B 186 22.78 -25.19 -15.36
N ASP B 187 23.66 -24.84 -14.44
CA ASP B 187 24.47 -25.81 -13.73
C ASP B 187 24.00 -26.05 -12.30
N ASP B 188 23.43 -25.03 -11.69
CA ASP B 188 23.20 -25.03 -10.25
C ASP B 188 21.78 -25.39 -9.84
N CYS B 189 21.16 -26.32 -10.55
CA CYS B 189 19.78 -26.73 -10.21
C CYS B 189 19.74 -27.31 -8.81
N VAL B 190 20.64 -28.23 -8.52
CA VAL B 190 20.60 -28.97 -7.26
C VAL B 190 20.98 -28.09 -6.07
N MET B 191 21.97 -27.22 -6.23
CA MET B 191 22.36 -26.36 -5.12
C MET B 191 21.28 -25.33 -4.82
N TYR B 192 20.69 -24.76 -5.86
CA TYR B 192 19.59 -23.83 -5.67
C TYR B 192 18.41 -24.53 -5.01
N SER B 193 18.14 -25.76 -5.45
CA SER B 193 17.08 -26.55 -4.85
C SER B 193 17.34 -26.82 -3.36
N LEU B 194 18.59 -27.09 -3.02
CA LEU B 194 18.98 -27.39 -1.65
C LEU B 194 18.83 -26.16 -0.76
N ASN B 195 19.41 -25.05 -1.21
CA ASN B 195 19.30 -23.78 -0.53
C ASN B 195 17.84 -23.40 -0.35
N TYR B 196 17.02 -23.74 -1.34
CA TYR B 196 15.59 -23.44 -1.27
C TYR B 196 14.88 -24.35 -0.28
N ALA B 197 15.39 -25.57 -0.11
CA ALA B 197 14.83 -26.45 0.90
C ALA B 197 15.10 -25.85 2.27
N ILE B 198 16.39 -25.58 2.53
CA ILE B 198 16.79 -25.02 3.81
C ILE B 198 16.07 -23.72 4.14
N LYS B 199 15.93 -22.85 3.14
CA LYS B 199 15.27 -21.57 3.38
C LYS B 199 13.76 -21.76 3.57
N ALA B 200 13.20 -22.76 2.89
CA ALA B 200 11.77 -23.07 3.04
C ALA B 200 11.48 -23.55 4.44
N HIS B 201 12.43 -24.27 5.04
CA HIS B 201 12.28 -24.67 6.42
C HIS B 201 12.44 -23.46 7.32
N LYS B 202 13.48 -22.67 7.05
CA LYS B 202 13.77 -21.49 7.86
C LYS B 202 12.62 -20.50 7.79
N ASN B 203 11.93 -20.46 6.65
CA ASN B 203 10.79 -19.58 6.49
C ASN B 203 9.49 -20.37 6.47
N ALA B 204 9.35 -21.25 7.45
CA ALA B 204 8.23 -22.17 7.49
C ALA B 204 6.88 -21.46 7.62
N ALA B 205 6.85 -20.34 8.34
CA ALA B 205 5.58 -19.66 8.62
C ALA B 205 4.87 -19.20 7.36
N GLN B 206 5.59 -18.48 6.52
CA GLN B 206 5.04 -17.92 5.29
C GLN B 206 4.57 -19.03 4.37
N PHE B 207 5.35 -20.10 4.34
CA PHE B 207 5.00 -21.29 3.58
C PHE B 207 3.72 -21.90 4.12
N ASP B 208 3.56 -21.86 5.44
CA ASP B 208 2.36 -22.34 6.11
C ASP B 208 1.18 -21.50 5.68
N ASP B 209 1.40 -20.21 5.48
CA ASP B 209 0.36 -19.32 4.95
C ASP B 209 -0.04 -19.71 3.52
N ILE B 210 0.95 -19.87 2.65
CA ILE B 210 0.69 -20.25 1.26
C ILE B 210 -0.06 -21.58 1.19
N HIS B 211 0.31 -22.50 2.08
CA HIS B 211 -0.30 -23.83 2.14
C HIS B 211 -1.72 -23.77 2.68
N HIS B 212 -1.93 -22.95 3.70
CA HIS B 212 -3.26 -22.71 4.22
C HIS B 212 -4.12 -22.19 3.10
N GLY B 213 -3.51 -21.38 2.23
CA GLY B 213 -4.18 -20.89 1.04
C GLY B 213 -4.52 -22.00 0.08
N LEU B 214 -3.54 -22.85 -0.24
CA LEU B 214 -3.72 -23.94 -1.20
C LEU B 214 -4.75 -24.97 -0.73
N GLN B 215 -4.92 -25.10 0.58
CA GLN B 215 -5.90 -26.04 1.13
C GLN B 215 -7.28 -25.67 0.63
N HIS B 216 -7.51 -24.38 0.46
CA HIS B 216 -8.76 -23.91 -0.10
C HIS B 216 -8.60 -23.75 -1.62
N GLY B 217 -7.54 -24.31 -2.16
CA GLY B 217 -7.37 -24.42 -3.60
C GLY B 217 -7.00 -23.15 -4.35
N THR B 218 -6.48 -22.16 -3.63
CA THR B 218 -6.11 -20.91 -4.27
C THR B 218 -4.70 -20.47 -3.90
N LEU B 219 -4.16 -19.55 -4.69
CA LEU B 219 -2.83 -19.02 -4.44
C LEU B 219 -2.92 -17.51 -4.31
N SER B 220 -2.31 -16.98 -3.27
CA SER B 220 -2.42 -15.56 -2.95
C SER B 220 -1.92 -14.67 -4.08
N THR B 221 -2.74 -13.71 -4.48
CA THR B 221 -2.44 -12.72 -5.51
C THR B 221 -1.94 -13.33 -6.83
N GLU B 222 -2.37 -14.56 -7.12
CA GLU B 222 -1.97 -15.25 -8.34
C GLU B 222 -2.42 -14.48 -9.58
N SER B 223 -3.60 -13.88 -9.50
CA SER B 223 -4.16 -13.15 -10.63
C SER B 223 -3.22 -12.04 -11.12
N GLU B 224 -2.54 -11.36 -10.20
CA GLU B 224 -1.55 -10.34 -10.57
C GLU B 224 -0.19 -10.95 -10.87
N SER B 225 0.25 -11.86 -10.00
CA SER B 225 1.65 -12.27 -10.00
C SER B 225 1.97 -13.38 -10.98
N ARG B 226 0.95 -14.03 -11.53
CA ARG B 226 1.20 -15.06 -12.52
C ARG B 226 1.54 -14.38 -13.83
N ALA B 227 1.07 -13.14 -13.98
CA ALA B 227 1.38 -12.36 -15.16
C ALA B 227 2.86 -12.02 -15.22
N ARG B 228 3.49 -11.86 -14.05
CA ARG B 228 4.90 -11.47 -13.98
C ARG B 228 5.87 -12.61 -14.26
N THR B 229 5.36 -13.82 -14.47
CA THR B 229 6.21 -14.96 -14.77
C THR B 229 6.32 -15.22 -16.27
N THR B 230 7.28 -16.06 -16.68
CA THR B 230 7.42 -16.44 -18.09
C THR B 230 6.17 -17.16 -18.58
N LEU B 231 5.64 -18.01 -17.71
CA LEU B 231 4.41 -18.75 -17.97
C LEU B 231 3.25 -17.80 -18.22
N GLY B 232 3.23 -16.68 -17.50
CA GLY B 232 2.17 -15.70 -17.67
C GLY B 232 2.26 -15.06 -19.04
N ALA B 233 3.49 -14.73 -19.44
CA ALA B 233 3.75 -14.15 -20.75
C ALA B 233 3.35 -15.12 -21.83
N LEU B 234 3.52 -16.41 -21.54
CA LEU B 234 3.14 -17.46 -22.48
C LEU B 234 1.61 -17.58 -22.56
N GLU B 235 0.95 -17.39 -21.43
CA GLU B 235 -0.50 -17.45 -21.36
C GLU B 235 -1.13 -16.28 -22.10
N ALA B 236 -0.43 -15.15 -22.11
CA ALA B 236 -0.93 -13.98 -22.82
C ALA B 236 -0.53 -14.02 -24.30
N SER B 237 0.52 -14.77 -24.61
CA SER B 237 1.03 -14.87 -25.97
C SER B 237 0.39 -16.01 -26.76
N SER B 238 -0.25 -16.96 -26.05
CA SER B 238 -0.87 -18.10 -26.72
C SER B 238 -2.38 -18.02 -26.68
N SER B 239 -2.91 -17.53 -25.56
CA SER B 239 -4.35 -17.44 -25.36
C SER B 239 -5.03 -18.80 -25.50
N TYR B 240 -4.38 -19.82 -24.93
CA TYR B 240 -4.94 -21.16 -24.76
C TYR B 240 -4.16 -21.83 -23.62
N SER B 241 -4.78 -22.79 -22.93
CA SER B 241 -4.13 -23.41 -21.77
C SER B 241 -2.84 -24.17 -22.11
N VAL B 242 -1.73 -23.72 -21.54
CA VAL B 242 -0.41 -24.34 -21.77
C VAL B 242 0.05 -25.16 -20.56
N MET B 243 -0.41 -24.79 -19.37
CA MET B 243 -0.16 -25.56 -18.16
C MET B 243 -1.45 -26.20 -17.70
N HIS B 244 -1.34 -27.33 -17.01
CA HIS B 244 -2.48 -28.17 -16.65
C HIS B 244 -3.54 -27.40 -15.87
N GLU B 245 -4.80 -27.69 -16.17
CA GLU B 245 -5.92 -27.02 -15.53
C GLU B 245 -5.90 -27.23 -14.02
N GLY B 246 -5.71 -26.13 -13.28
CA GLY B 246 -5.73 -26.19 -11.83
C GLY B 246 -4.45 -25.72 -11.15
N ALA B 247 -3.31 -26.13 -11.70
CA ALA B 247 -2.01 -25.80 -11.11
C ALA B 247 -1.77 -24.30 -11.08
N HIS B 248 -1.37 -23.80 -9.91
CA HIS B 248 -1.12 -22.38 -9.71
C HIS B 248 0.33 -21.99 -10.00
N ALA B 249 0.55 -20.70 -10.24
CA ALA B 249 1.90 -20.18 -10.48
C ALA B 249 2.01 -18.71 -10.11
N ALA B 250 3.20 -18.30 -9.68
CA ALA B 250 3.43 -16.93 -9.25
C ALA B 250 4.91 -16.58 -9.26
N PHE B 251 5.22 -15.29 -9.22
CA PHE B 251 6.61 -14.83 -9.20
C PHE B 251 7.16 -14.87 -7.78
N GLY B 252 8.36 -15.45 -7.64
CA GLY B 252 8.95 -15.66 -6.34
C GLY B 252 9.02 -14.45 -5.45
N ALA B 253 9.27 -13.29 -6.05
CA ALA B 253 9.48 -12.06 -5.28
C ALA B 253 8.21 -11.62 -4.53
N ASP B 254 7.06 -12.13 -4.95
CA ASP B 254 5.81 -11.67 -4.37
C ASP B 254 5.32 -12.59 -3.26
N VAL B 255 5.76 -13.83 -3.26
CA VAL B 255 5.24 -14.80 -2.31
C VAL B 255 6.31 -15.42 -1.42
N LEU B 256 7.56 -15.34 -1.83
CA LEU B 256 8.66 -15.91 -1.05
C LEU B 256 9.48 -14.80 -0.42
N PRO B 257 10.12 -15.10 0.73
CA PRO B 257 11.00 -14.12 1.40
C PRO B 257 12.29 -13.88 0.64
N VAL B 258 13.01 -12.83 1.05
CA VAL B 258 14.21 -12.39 0.36
C VAL B 258 15.30 -13.46 0.38
N ASP B 259 15.19 -14.40 1.32
CA ASP B 259 16.16 -15.47 1.48
C ASP B 259 16.40 -16.26 0.19
N PHE B 260 15.38 -16.30 -0.66
CA PHE B 260 15.42 -17.10 -1.87
C PHE B 260 16.19 -16.41 -2.99
N TYR B 261 16.59 -15.16 -2.74
CA TYR B 261 17.31 -14.40 -3.75
C TYR B 261 18.73 -14.05 -3.31
N LYS B 262 19.15 -14.60 -2.17
CA LYS B 262 20.48 -14.33 -1.65
C LYS B 262 21.57 -14.87 -2.54
N HIS B 263 21.23 -15.81 -3.42
CA HIS B 263 22.20 -16.39 -4.32
C HIS B 263 21.88 -16.02 -5.77
N GLY B 264 21.01 -15.04 -5.95
CA GLY B 264 20.66 -14.56 -7.26
C GLY B 264 21.86 -13.98 -7.97
N ALA B 265 22.10 -14.46 -9.19
CA ALA B 265 23.27 -14.05 -9.95
C ALA B 265 23.14 -12.63 -10.50
N SER B 266 21.94 -12.28 -10.97
CA SER B 266 21.72 -10.99 -11.60
C SER B 266 21.64 -9.86 -10.59
N LEU B 267 22.54 -8.90 -10.72
CA LEU B 267 22.54 -7.70 -9.90
C LEU B 267 21.41 -6.78 -10.31
N THR B 268 21.09 -6.79 -11.61
CA THR B 268 19.97 -6.01 -12.12
C THR B 268 18.70 -6.43 -11.42
N GLN B 269 18.59 -7.74 -11.23
CA GLN B 269 17.46 -8.34 -10.56
C GLN B 269 17.40 -7.86 -9.13
N ALA B 270 18.57 -7.78 -8.49
CA ALA B 270 18.66 -7.31 -7.12
C ALA B 270 18.16 -5.87 -7.00
N TYR B 271 18.54 -5.06 -7.97
CA TYR B 271 18.11 -3.67 -8.01
C TYR B 271 16.60 -3.59 -8.18
N TYR B 272 16.04 -4.32 -9.13
CA TYR B 272 14.58 -4.29 -9.31
C TYR B 272 13.85 -4.84 -8.08
N LEU B 273 14.52 -5.69 -7.31
CA LEU B 273 13.92 -6.28 -6.13
C LEU B 273 13.93 -5.35 -4.93
N MET B 274 15.00 -4.58 -4.77
CA MET B 274 15.07 -3.64 -3.66
C MET B 274 14.19 -2.44 -3.92
N LYS B 275 13.91 -2.16 -5.19
CA LYS B 275 13.13 -0.98 -5.56
C LYS B 275 11.62 -1.21 -5.54
N ARG B 276 11.20 -2.40 -5.10
CA ARG B 276 9.77 -2.73 -5.03
C ARG B 276 9.02 -1.89 -4.01
N PRO B 277 7.78 -1.51 -4.34
CA PRO B 277 6.96 -0.59 -3.52
C PRO B 277 6.72 -1.09 -2.09
N ASP B 278 6.54 -2.39 -1.91
CA ASP B 278 6.33 -2.94 -0.57
C ASP B 278 7.63 -2.94 0.24
N GLY B 279 8.76 -2.95 -0.47
CA GLY B 279 10.06 -2.93 0.16
C GLY B 279 10.34 -4.17 0.99
N ARG B 280 9.82 -5.30 0.54
CA ARG B 280 10.01 -6.56 1.24
C ARG B 280 11.38 -7.18 0.99
N MET B 281 11.95 -6.89 -0.17
CA MET B 281 13.24 -7.48 -0.55
C MET B 281 14.39 -6.53 -0.24
N ALA B 282 14.06 -5.43 0.43
CA ALA B 282 15.01 -4.33 0.63
C ALA B 282 15.64 -4.33 2.01
N GLY B 283 15.38 -5.37 2.79
CA GLY B 283 15.93 -5.46 4.13
C GLY B 283 17.35 -6.00 4.15
N ARG B 284 17.78 -6.43 5.34
CA ARG B 284 19.11 -7.02 5.53
C ARG B 284 19.06 -8.52 5.28
N VAL B 285 20.08 -9.06 4.59
CA VAL B 285 20.05 -10.46 4.20
C VAL B 285 21.09 -11.32 4.93
N ASN B 286 21.88 -10.71 5.80
CA ASN B 286 22.77 -11.52 6.63
C ASN B 286 22.24 -11.55 8.05
N SER B 287 22.75 -12.50 8.84
CA SER B 287 22.30 -12.65 10.21
C SER B 287 22.54 -11.38 11.01
N GLU B 288 21.67 -11.16 11.99
CA GLU B 288 21.74 -9.95 12.80
C GLU B 288 22.98 -9.96 13.67
N GLY B 289 23.61 -11.12 13.80
CA GLY B 289 24.82 -11.23 14.58
C GLY B 289 26.02 -10.78 13.78
N HIS B 290 25.83 -9.71 13.01
CA HIS B 290 26.89 -9.12 12.22
C HIS B 290 27.01 -7.65 12.54
N SER B 291 28.24 -7.19 12.73
CA SER B 291 28.50 -5.77 12.96
C SER B 291 28.10 -4.94 11.76
N GLU B 292 28.56 -5.35 10.58
CA GLU B 292 28.23 -4.66 9.34
C GLU B 292 27.08 -5.35 8.61
N ALA B 293 25.97 -4.63 8.45
CA ALA B 293 24.82 -5.14 7.73
C ALA B 293 25.09 -5.35 6.25
N GLU B 294 24.13 -5.93 5.55
CA GLU B 294 24.25 -6.21 4.12
C GLU B 294 22.88 -6.45 3.51
N ASN B 295 22.65 -5.90 2.32
CA ASN B 295 21.39 -6.14 1.64
C ASN B 295 21.59 -7.00 0.40
N LEU B 296 20.54 -7.13 -0.40
CA LEU B 296 20.59 -7.99 -1.57
C LEU B 296 21.61 -7.48 -2.58
N VAL B 297 21.50 -6.20 -2.94
CA VAL B 297 22.42 -5.59 -3.87
C VAL B 297 23.85 -5.61 -3.34
N GLN B 298 24.02 -5.26 -2.07
CA GLN B 298 25.34 -5.25 -1.45
C GLN B 298 25.95 -6.64 -1.45
N ARG B 299 25.13 -7.65 -1.15
CA ARG B 299 25.60 -9.03 -1.16
C ARG B 299 26.02 -9.45 -2.56
N ASN B 300 25.19 -9.12 -3.53
CA ASN B 300 25.49 -9.42 -4.92
C ASN B 300 26.82 -8.80 -5.35
N GLN B 301 27.05 -7.56 -4.92
CA GLN B 301 28.29 -6.87 -5.25
C GLN B 301 29.47 -7.50 -4.52
N ALA B 302 29.19 -8.07 -3.35
CA ALA B 302 30.24 -8.69 -2.55
C ALA B 302 30.61 -10.06 -3.13
N PHE B 303 29.73 -10.61 -3.95
CA PHE B 303 29.99 -11.87 -4.63
C PHE B 303 30.04 -11.68 -6.14
N ARG B 304 30.36 -10.48 -6.59
CA ARG B 304 30.34 -10.17 -8.01
C ARG B 304 31.63 -10.61 -8.69
N VAL B 305 31.52 -11.58 -9.59
CA VAL B 305 32.68 -12.10 -10.29
C VAL B 305 32.41 -12.26 -11.79
N LYS B 306 33.47 -12.31 -12.59
CA LYS B 306 33.34 -12.45 -14.03
C LYS B 306 32.86 -13.84 -14.45
N ARG B 307 32.38 -13.94 -15.68
CA ARG B 307 31.84 -15.20 -16.18
C ARG B 307 32.81 -15.96 -17.08
N ARG B 308 32.42 -17.20 -17.39
CA ARG B 308 32.96 -17.94 -18.53
C ARG B 308 31.77 -18.24 -19.42
N GLU B 309 31.91 -18.21 -20.76
CA GLU B 309 33.14 -17.94 -21.50
C GLU B 309 32.71 -16.75 -22.42
N LEU B 310 32.90 -16.68 -23.75
CA LEU B 310 33.98 -17.18 -24.62
C LEU B 310 34.90 -16.02 -24.99
N LEU B 311 35.93 -16.29 -25.79
CA LEU B 311 36.81 -15.21 -26.25
C LEU B 311 36.23 -14.49 -27.46
N ASP B 312 35.63 -15.25 -28.38
CA ASP B 312 34.92 -14.69 -29.53
C ASP B 312 33.55 -14.06 -29.19
N ASP B 313 32.81 -14.73 -28.32
CA ASP B 313 31.44 -14.34 -27.96
C ASP B 313 31.27 -13.69 -26.58
N GLU B 314 31.70 -12.44 -26.45
CA GLU B 314 31.54 -11.72 -25.17
C GLU B 314 30.16 -11.06 -25.08
N THR B 315 29.56 -11.12 -23.90
CA THR B 315 28.15 -10.79 -23.69
C THR B 315 27.89 -9.46 -22.96
N PRO B 316 26.67 -8.89 -23.13
CA PRO B 316 26.32 -7.62 -22.48
C PRO B 316 25.90 -7.74 -21.01
N SER B 317 25.99 -6.60 -20.32
CA SER B 317 25.57 -6.37 -18.93
C SER B 317 26.40 -6.83 -17.70
N ASN B 318 27.60 -7.40 -17.81
CA ASN B 318 28.36 -7.71 -19.01
C ASN B 318 28.98 -9.09 -18.87
N THR B 319 30.20 -9.13 -18.35
CA THR B 319 30.88 -10.39 -18.07
C THR B 319 30.70 -10.85 -16.63
N GLN B 320 30.13 -9.98 -15.78
CA GLN B 320 29.98 -10.32 -14.38
C GLN B 320 28.61 -10.85 -13.96
N PHE B 321 28.57 -11.44 -12.77
CA PHE B 321 27.37 -12.01 -12.18
C PHE B 321 27.66 -12.31 -10.71
N SER B 322 26.67 -12.83 -9.99
CA SER B 322 26.89 -13.21 -8.59
C SER B 322 27.10 -14.71 -8.45
N ALA B 323 28.29 -15.09 -7.99
CA ALA B 323 28.65 -16.49 -7.81
C ALA B 323 28.39 -16.97 -6.38
N SER B 324 27.42 -16.34 -5.72
CA SER B 324 27.07 -16.69 -4.35
C SER B 324 26.70 -18.17 -4.20
N ILE B 325 25.98 -18.70 -5.18
CA ILE B 325 25.53 -20.09 -5.13
C ILE B 325 26.71 -21.05 -5.06
N ASP B 326 27.79 -20.72 -5.76
CA ASP B 326 28.99 -21.53 -5.74
C ASP B 326 29.56 -21.56 -4.31
N GLY B 327 29.48 -20.41 -3.66
CA GLY B 327 29.87 -20.30 -2.26
C GLY B 327 28.98 -21.17 -1.37
N PHE B 328 27.70 -21.25 -1.71
CA PHE B 328 26.81 -22.14 -0.98
C PHE B 328 27.28 -23.59 -1.13
N ARG B 329 27.68 -23.95 -2.35
CA ARG B 329 28.20 -25.28 -2.60
C ARG B 329 29.41 -25.56 -1.73
N LEU B 330 30.34 -24.61 -1.69
CA LEU B 330 31.53 -24.73 -0.85
C LEU B 330 31.16 -24.93 0.62
N GLN B 331 30.16 -24.17 1.05
CA GLN B 331 29.63 -24.27 2.41
C GLN B 331 29.16 -25.67 2.75
N GLU B 332 28.24 -26.19 1.92
CA GLU B 332 27.72 -27.53 2.14
C GLU B 332 28.82 -28.57 2.16
N ILE B 333 29.79 -28.42 1.25
CA ILE B 333 30.88 -29.39 1.21
C ILE B 333 31.73 -29.36 2.47
N LYS B 334 32.06 -28.15 2.95
CA LYS B 334 32.82 -28.04 4.19
C LYS B 334 32.06 -28.64 5.36
N ARG B 335 30.75 -28.40 5.40
CA ARG B 335 29.92 -28.91 6.48
C ARG B 335 29.95 -30.44 6.49
N VAL B 336 29.73 -31.02 5.32
CA VAL B 336 29.70 -32.46 5.17
C VAL B 336 31.02 -33.09 5.58
N LEU B 337 32.12 -32.59 5.02
CA LEU B 337 33.42 -33.15 5.32
C LEU B 337 33.82 -32.96 6.79
N ALA B 338 33.33 -31.90 7.41
CA ALA B 338 33.62 -31.63 8.81
C ALA B 338 32.83 -32.50 9.79
N ALA B 339 31.59 -32.83 9.44
CA ALA B 339 30.74 -33.60 10.35
C ALA B 339 31.24 -35.04 10.56
N ALA B 340 31.83 -35.61 9.53
CA ALA B 340 32.34 -36.99 9.59
C ALA B 340 33.70 -37.02 10.28
N GLN B 341 34.49 -35.97 10.03
CA GLN B 341 35.85 -35.84 10.56
C GLN B 341 35.87 -35.26 11.96
N GLN C 19 17.89 18.87 -14.72
CA GLN C 19 17.47 17.51 -14.40
C GLN C 19 18.26 16.93 -13.22
N SER C 20 17.54 16.36 -12.27
CA SER C 20 18.15 15.74 -11.09
C SER C 20 17.57 14.35 -10.84
N MET C 21 18.41 13.33 -10.90
CA MET C 21 17.95 11.94 -10.78
C MET C 21 17.26 11.67 -9.45
N ARG C 22 17.45 12.53 -8.46
CA ARG C 22 16.71 12.44 -7.21
C ARG C 22 15.28 12.89 -7.45
N LEU C 23 15.14 14.11 -7.96
CA LEU C 23 13.83 14.66 -8.28
C LEU C 23 13.16 13.81 -9.36
N GLN C 24 13.98 13.34 -10.31
CA GLN C 24 13.49 12.49 -11.37
C GLN C 24 12.97 11.18 -10.77
N GLN C 25 13.68 10.69 -9.76
CA GLN C 25 13.24 9.51 -9.02
C GLN C 25 11.91 9.72 -8.32
N LYS C 26 11.74 10.90 -7.73
CA LYS C 26 10.46 11.22 -7.11
C LYS C 26 9.33 11.27 -8.14
N ILE C 27 9.63 11.81 -9.31
CA ILE C 27 8.67 11.88 -10.40
C ILE C 27 8.24 10.47 -10.83
N ASN C 28 9.23 9.63 -11.10
CA ASN C 28 8.99 8.24 -11.49
C ASN C 28 8.25 7.47 -10.40
N ASP C 29 8.49 7.83 -9.14
CA ASP C 29 7.81 7.24 -8.01
C ASP C 29 6.34 7.63 -7.96
N LEU C 30 6.05 8.89 -8.30
CA LEU C 30 4.68 9.36 -8.21
C LEU C 30 3.81 8.96 -9.41
N LYS C 31 4.40 8.97 -10.60
CA LYS C 31 3.67 8.81 -11.86
C LYS C 31 2.62 7.67 -11.91
N PRO C 32 2.95 6.46 -11.41
CA PRO C 32 1.90 5.42 -11.44
C PRO C 32 0.67 5.78 -10.60
N TYR C 33 0.91 6.21 -9.38
CA TYR C 33 -0.15 6.60 -8.46
C TYR C 33 -1.06 7.63 -9.10
N VAL C 34 -0.48 8.49 -9.93
CA VAL C 34 -1.27 9.46 -10.68
C VAL C 34 -2.02 8.75 -11.79
N ARG C 35 -1.35 7.77 -12.42
CA ARG C 35 -1.95 7.04 -13.54
C ARG C 35 -3.14 6.20 -13.07
N HIS C 36 -3.32 6.10 -11.76
CA HIS C 36 -4.53 5.47 -11.22
C HIS C 36 -5.36 6.45 -10.37
N ALA C 37 -4.83 7.63 -10.10
CA ALA C 37 -5.59 8.61 -9.34
C ALA C 37 -6.69 9.19 -10.22
N ARG C 38 -7.80 9.58 -9.62
CA ARG C 38 -8.88 10.22 -10.36
C ARG C 38 -9.43 11.40 -9.56
N GLY C 39 -9.96 12.39 -10.26
CA GLY C 39 -10.50 13.57 -9.60
C GLY C 39 -9.56 14.77 -9.62
N PRO C 40 -9.85 15.78 -8.78
CA PRO C 40 -9.05 17.00 -8.76
C PRO C 40 -7.66 16.72 -8.19
N ILE C 41 -7.55 15.61 -7.47
CA ILE C 41 -6.29 15.25 -6.83
C ILE C 41 -5.35 14.71 -7.90
N LYS C 42 -5.92 14.13 -8.96
CA LYS C 42 -5.15 13.68 -10.11
C LYS C 42 -4.56 14.91 -10.78
N ALA C 43 -5.38 15.95 -10.90
CA ALA C 43 -4.96 17.20 -11.50
C ALA C 43 -3.84 17.82 -10.69
N TYR C 44 -4.00 17.80 -9.36
CA TYR C 44 -2.99 18.36 -8.47
C TYR C 44 -1.66 17.61 -8.57
N GLY C 45 -1.72 16.28 -8.55
CA GLY C 45 -0.53 15.46 -8.62
C GLY C 45 0.19 15.60 -9.95
N GLN C 46 -0.59 15.63 -11.02
CA GLN C 46 -0.04 15.82 -12.35
C GLN C 46 0.59 17.20 -12.51
N ALA C 47 -0.07 18.22 -11.98
CA ALA C 47 0.47 19.57 -12.02
C ALA C 47 1.79 19.61 -11.25
N ALA C 48 1.87 18.86 -10.15
CA ALA C 48 3.11 18.80 -9.37
C ALA C 48 4.21 18.12 -10.19
N LEU C 49 3.82 17.07 -10.92
CA LEU C 49 4.75 16.36 -11.79
C LEU C 49 5.29 17.31 -12.86
N ASP C 50 4.39 18.11 -13.43
CA ASP C 50 4.79 19.11 -14.43
C ASP C 50 5.74 20.14 -13.86
N ARG C 51 5.36 20.77 -12.74
CA ARG C 51 6.21 21.74 -12.07
C ARG C 51 7.60 21.18 -11.84
N ALA C 52 7.66 19.97 -11.29
CA ALA C 52 8.94 19.33 -11.01
C ALA C 52 9.73 19.11 -12.30
N SER C 53 9.06 18.57 -13.32
CA SER C 53 9.73 18.22 -14.58
C SER C 53 10.41 19.42 -15.25
N GLY C 54 9.96 20.63 -14.90
CA GLY C 54 10.53 21.85 -15.45
C GLY C 54 9.61 22.48 -16.47
N ALA C 55 8.33 22.12 -16.40
CA ALA C 55 7.31 22.66 -17.30
C ALA C 55 6.66 23.91 -16.74
N ALA C 56 5.76 24.50 -17.53
CA ALA C 56 5.10 25.75 -17.17
C ALA C 56 3.91 25.51 -16.24
N THR C 57 3.67 26.46 -15.35
CA THR C 57 2.56 26.37 -14.40
C THR C 57 1.56 27.51 -14.61
N SER C 58 0.40 27.17 -15.16
CA SER C 58 -0.62 28.16 -15.46
C SER C 58 -1.48 28.45 -14.22
N VAL C 59 -1.27 27.67 -13.17
CA VAL C 59 -2.00 27.83 -11.91
C VAL C 59 -1.03 28.14 -10.76
N SER C 60 -1.49 28.88 -9.75
CA SER C 60 -0.64 29.16 -8.59
C SER C 60 -0.65 27.95 -7.66
N PHE C 61 0.52 27.49 -7.28
CA PHE C 61 0.64 26.27 -6.50
C PHE C 61 0.40 26.47 -5.00
N ALA C 62 0.48 27.71 -4.54
CA ALA C 62 0.14 28.01 -3.16
C ALA C 62 -1.34 27.71 -2.95
N GLU C 63 -2.13 28.02 -3.95
CA GLU C 63 -3.58 27.83 -3.87
C GLU C 63 -3.89 26.34 -3.95
N LEU C 64 -3.22 25.63 -4.86
CA LEU C 64 -3.41 24.18 -4.99
C LEU C 64 -3.08 23.46 -3.69
N ASP C 65 -1.86 23.71 -3.21
CA ASP C 65 -1.40 23.13 -1.97
C ASP C 65 -2.35 23.45 -0.83
N ALA C 66 -2.79 24.71 -0.78
CA ALA C 66 -3.75 25.15 0.22
C ALA C 66 -5.02 24.30 0.17
N THR C 67 -5.50 24.04 -1.04
CA THR C 67 -6.71 23.24 -1.22
C THR C 67 -6.51 21.80 -0.75
N HIS C 68 -5.41 21.18 -1.20
CA HIS C 68 -5.18 19.78 -0.91
C HIS C 68 -4.30 19.61 0.32
N LEU C 69 -4.36 20.58 1.22
CA LEU C 69 -3.56 20.51 2.45
C LEU C 69 -4.18 19.49 3.42
N ASP C 70 -5.50 19.45 3.47
CA ASP C 70 -6.21 18.60 4.43
C ASP C 70 -5.93 17.10 4.24
N ALA C 71 -6.02 16.65 3.00
CA ALA C 71 -5.80 15.24 2.68
C ALA C 71 -4.41 14.79 3.10
N MET C 72 -3.43 15.68 2.96
CA MET C 72 -2.06 15.38 3.38
C MET C 72 -1.95 15.42 4.90
N VAL C 73 -2.62 16.39 5.50
CA VAL C 73 -2.64 16.52 6.95
C VAL C 73 -3.12 15.22 7.57
N TYR C 74 -4.12 14.60 6.98
CA TYR C 74 -4.62 13.32 7.51
C TYR C 74 -3.54 12.23 7.55
N ILE C 75 -2.96 11.93 6.39
CA ILE C 75 -2.01 10.83 6.29
C ILE C 75 -0.69 11.13 7.00
N GLU C 76 -0.40 12.40 7.20
CA GLU C 76 0.81 12.81 7.93
C GLU C 76 0.58 12.70 9.43
N ASN C 77 -0.64 12.99 9.84
CA ASN C 77 -1.06 12.78 11.23
C ASN C 77 -1.02 11.30 11.55
N GLN C 78 -1.38 10.48 10.56
CA GLN C 78 -1.24 9.03 10.72
C GLN C 78 0.21 8.59 10.83
N ARG C 79 1.01 8.96 9.83
CA ARG C 79 2.41 8.51 9.75
C ARG C 79 3.22 8.83 11.00
N ASN C 80 3.09 10.03 11.53
CA ASN C 80 3.79 10.40 12.76
C ASN C 80 2.82 10.78 13.86
N PRO C 81 2.36 9.78 14.63
CA PRO C 81 1.43 10.00 15.74
C PRO C 81 1.97 10.93 16.81
N GLY C 82 1.17 11.91 17.21
CA GLY C 82 1.60 12.88 18.18
C GLY C 82 1.90 14.20 17.52
N LEU C 83 1.94 14.17 16.19
CA LEU C 83 2.17 15.36 15.39
C LEU C 83 1.11 16.39 15.70
N ASN C 84 -0.12 15.90 15.81
CA ASN C 84 -1.26 16.73 16.17
C ASN C 84 -1.41 17.94 15.25
N LEU C 85 -1.19 17.70 13.95
CA LEU C 85 -1.29 18.78 12.96
C LEU C 85 -2.73 19.10 12.59
N LYS C 86 -3.05 20.40 12.57
CA LYS C 86 -4.39 20.85 12.23
C LYS C 86 -4.32 21.91 11.13
N HIS C 87 -5.32 21.93 10.25
CA HIS C 87 -5.40 22.97 9.22
C HIS C 87 -6.49 23.98 9.54
N PHE C 88 -6.09 25.22 9.79
CA PHE C 88 -7.03 26.29 10.07
C PHE C 88 -7.12 27.29 8.91
N ARG C 89 -8.34 27.55 8.46
CA ARG C 89 -8.58 28.47 7.34
C ARG C 89 -8.11 29.87 7.68
N ASP C 90 -8.14 30.19 8.97
CA ASP C 90 -7.80 31.50 9.46
C ASP C 90 -6.76 31.41 10.59
N HIS C 91 -6.35 32.55 11.12
CA HIS C 91 -5.52 32.55 12.32
C HIS C 91 -6.41 32.83 13.53
N TYR C 92 -7.69 33.06 13.26
CA TYR C 92 -8.71 33.19 14.29
C TYR C 92 -9.14 31.83 14.83
N TYR C 93 -9.21 30.84 13.94
CA TYR C 93 -9.55 29.49 14.34
C TYR C 93 -8.40 28.87 15.11
N LEU C 94 -7.20 29.35 14.85
CA LEU C 94 -6.04 28.98 15.65
C LEU C 94 -6.27 29.45 17.08
N ILE C 95 -6.74 30.69 17.21
CA ILE C 95 -7.04 31.29 18.50
C ILE C 95 -8.12 30.53 19.23
N GLN C 96 -9.18 30.15 18.50
CA GLN C 96 -10.23 29.33 19.08
C GLN C 96 -9.67 28.01 19.58
N ALA C 97 -8.74 27.43 18.82
CA ALA C 97 -8.15 26.16 19.21
C ALA C 97 -7.28 26.31 20.45
N LEU C 98 -6.65 27.49 20.59
CA LEU C 98 -5.84 27.79 21.75
C LEU C 98 -6.70 27.80 23.01
N GLN C 99 -7.87 28.44 22.88
CA GLN C 99 -8.80 28.55 23.99
C GLN C 99 -9.65 27.29 24.14
N SER C 100 -8.98 26.13 24.10
CA SER C 100 -9.65 24.83 24.24
C SER C 100 -8.74 23.87 25.00
N ASP C 101 -9.35 22.93 25.72
CA ASP C 101 -8.58 21.91 26.44
C ASP C 101 -8.13 20.80 25.49
N GLY C 102 -7.45 21.19 24.42
CA GLY C 102 -7.04 20.25 23.40
C GLY C 102 -5.80 19.50 23.83
N PRO C 103 -4.91 19.21 22.87
CA PRO C 103 -3.64 18.53 23.16
C PRO C 103 -2.67 19.47 23.86
N SER C 104 -1.77 18.91 24.66
CA SER C 104 -0.78 19.71 25.38
C SER C 104 0.19 20.35 24.40
N ALA C 105 0.34 19.72 23.23
CA ALA C 105 1.27 20.19 22.22
C ALA C 105 0.69 19.88 20.85
N PHE C 106 0.46 20.91 20.05
CA PHE C 106 -0.05 20.71 18.71
C PHE C 106 0.52 21.72 17.71
N ARG C 107 0.45 21.38 16.43
CA ARG C 107 1.00 22.23 15.39
C ARG C 107 -0.09 22.64 14.40
N ALA C 108 -0.08 23.92 13.99
CA ALA C 108 -1.13 24.42 13.12
C ALA C 108 -0.61 25.13 11.87
N ILE C 109 -1.25 24.91 10.73
CA ILE C 109 -0.89 25.61 9.51
C ILE C 109 -2.03 26.52 9.11
N PHE C 110 -1.72 27.79 8.82
CA PHE C 110 -2.76 28.77 8.55
C PHE C 110 -2.25 29.93 7.70
N PRO C 111 -3.11 30.48 6.84
CA PRO C 111 -2.77 31.63 6.01
C PRO C 111 -2.98 32.96 6.75
N GLN C 112 -2.12 33.93 6.48
CA GLN C 112 -2.28 35.27 7.07
C GLN C 112 -3.54 35.96 6.55
N THR C 113 -3.87 37.09 7.15
CA THR C 113 -5.08 37.83 6.79
C THR C 113 -4.73 39.28 6.48
N CYS C 114 -5.26 39.82 5.38
CA CYS C 114 -5.00 41.20 4.99
C CYS C 114 -5.68 42.24 5.88
N PRO C 115 -4.88 42.97 6.65
CA PRO C 115 -5.37 43.95 7.63
C PRO C 115 -6.33 44.96 7.04
N GLU C 116 -6.20 45.24 5.75
CA GLU C 116 -7.03 46.28 5.15
C GLU C 116 -8.33 45.70 4.58
N THR C 117 -8.41 44.38 4.45
CA THR C 117 -9.58 43.75 3.85
C THR C 117 -10.18 42.65 4.72
N GLY C 118 -9.36 41.98 5.51
CA GLY C 118 -9.83 40.86 6.31
C GLY C 118 -9.88 39.58 5.51
N GLN C 119 -9.23 39.59 4.34
CA GLN C 119 -9.20 38.45 3.44
C GLN C 119 -8.04 37.53 3.74
N THR C 120 -8.24 36.23 3.49
CA THR C 120 -7.14 35.27 3.59
C THR C 120 -6.25 35.45 2.35
N LEU C 121 -4.94 35.39 2.54
CA LEU C 121 -4.02 35.82 1.48
C LEU C 121 -2.99 34.83 1.01
N LYS C 122 -3.36 33.56 0.87
CA LYS C 122 -2.37 32.53 0.62
C LYS C 122 -1.28 32.68 1.69
N HIS C 123 -0.03 32.81 1.26
CA HIS C 123 1.13 32.87 2.16
CA HIS C 123 1.15 32.79 2.13
C HIS C 123 0.90 32.15 3.50
N HIS C 124 0.90 30.83 3.50
CA HIS C 124 0.62 30.11 4.73
C HIS C 124 1.86 30.05 5.61
N VAL C 125 1.64 29.94 6.92
CA VAL C 125 2.73 29.73 7.87
C VAL C 125 2.33 28.62 8.83
N MET C 126 3.31 28.05 9.53
CA MET C 126 3.02 27.01 10.52
C MET C 126 3.47 27.43 11.92
N ALA C 127 2.79 26.91 12.92
CA ALA C 127 3.00 27.28 14.31
C ALA C 127 3.11 26.05 15.22
N ASP C 128 4.27 25.88 15.82
CA ASP C 128 4.48 24.87 16.85
C ASP C 128 3.99 25.43 18.18
N VAL C 129 2.94 24.82 18.72
CA VAL C 129 2.24 25.39 19.88
C VAL C 129 2.24 24.47 21.10
N ARG C 130 2.54 25.06 22.26
CA ARG C 130 2.39 24.35 23.53
C ARG C 130 1.28 25.01 24.35
N LEU C 131 0.41 24.20 24.94
CA LEU C 131 -0.65 24.70 25.81
C LEU C 131 -0.40 24.43 27.30
N HIS C 132 -0.99 25.27 28.16
CA HIS C 132 -0.83 25.12 29.61
C HIS C 132 -2.14 25.44 30.35
N ALA C 136 -1.36 29.61 29.94
CA ALA C 136 -0.48 30.52 29.22
C ALA C 136 0.22 29.81 28.06
N PRO C 137 -0.39 29.83 26.87
CA PRO C 137 0.15 29.12 25.71
C PRO C 137 1.44 29.72 25.19
N THR C 138 2.29 28.90 24.58
CA THR C 138 3.53 29.37 23.95
C THR C 138 3.49 29.02 22.47
N ILE C 139 3.68 30.02 21.62
CA ILE C 139 3.55 29.84 20.18
C ILE C 139 4.86 30.13 19.45
N ILE C 140 5.24 29.23 18.54
CA ILE C 140 6.40 29.44 17.71
C ILE C 140 5.99 29.40 16.25
N ILE C 141 5.84 30.56 15.64
CA ILE C 141 5.51 30.66 14.22
C ILE C 141 6.79 30.63 13.40
N THR C 142 6.86 29.75 12.40
CA THR C 142 8.02 29.72 11.53
C THR C 142 7.73 30.39 10.18
N GLU C 143 8.55 31.37 9.80
CA GLU C 143 8.42 32.03 8.51
C GLU C 143 9.40 31.48 7.48
N PRO C 144 8.88 30.76 6.48
CA PRO C 144 9.69 30.14 5.42
C PRO C 144 10.41 31.15 4.53
N ALA C 145 9.77 32.29 4.32
CA ALA C 145 10.35 33.33 3.49
C ALA C 145 11.02 34.37 4.36
N VAL C 146 10.44 35.57 4.40
CA VAL C 146 10.97 36.66 5.20
C VAL C 146 9.87 37.31 6.02
N ILE C 147 10.24 37.91 7.16
CA ILE C 147 9.27 38.49 8.08
C ILE C 147 8.68 39.82 7.59
N VAL C 148 9.54 40.72 7.14
CA VAL C 148 9.11 42.06 6.74
C VAL C 148 8.46 42.09 5.35
N GLY C 149 9.24 41.79 4.32
CA GLY C 149 8.71 41.74 2.96
C GLY C 149 9.07 42.91 2.06
N ALA C 150 8.51 42.88 0.85
CA ALA C 150 8.80 43.87 -0.17
C ALA C 150 8.26 45.27 0.18
N ARG C 151 6.95 45.36 0.38
CA ARG C 151 6.33 46.63 0.72
C ARG C 151 5.84 46.63 2.17
N TYR C 152 6.65 46.02 3.04
CA TYR C 152 6.38 45.93 4.48
C TYR C 152 5.05 45.25 4.78
N GLN C 153 4.61 44.39 3.87
CA GLN C 153 3.30 43.75 3.94
C GLN C 153 3.29 42.57 4.89
N GLN C 154 4.23 41.67 4.68
CA GLN C 154 4.38 40.47 5.50
C GLN C 154 4.57 40.86 6.97
N LEU C 155 5.27 41.97 7.18
CA LEU C 155 5.48 42.52 8.51
C LEU C 155 4.17 42.89 9.17
N GLN C 156 3.35 43.70 8.50
CA GLN C 156 2.10 44.17 9.07
C GLN C 156 1.05 43.06 9.17
N ARG C 157 1.18 42.03 8.34
CA ARG C 157 0.30 40.87 8.42
C ARG C 157 0.65 40.07 9.67
N HIS C 158 1.94 39.81 9.86
CA HIS C 158 2.42 39.17 11.07
C HIS C 158 2.00 39.98 12.29
N ASN C 159 2.04 41.30 12.15
CA ASN C 159 1.58 42.22 13.18
C ASN C 159 0.11 42.02 13.49
N LEU C 160 -0.71 41.83 12.45
CA LEU C 160 -2.11 41.55 12.68
C LEU C 160 -2.27 40.27 13.48
N THR C 161 -1.59 39.22 13.04
CA THR C 161 -1.65 37.94 13.74
C THR C 161 -1.31 38.11 15.22
N LEU C 162 -0.20 38.78 15.48
CA LEU C 162 0.25 39.01 16.84
C LEU C 162 -0.74 39.83 17.65
N GLU C 163 -1.37 40.81 17.00
CA GLU C 163 -2.35 41.65 17.67
C GLU C 163 -3.54 40.81 18.11
N ASP C 164 -3.97 39.92 17.23
CA ASP C 164 -5.12 39.07 17.54
C ASP C 164 -4.77 38.09 18.64
N LEU C 165 -3.57 37.52 18.57
CA LEU C 165 -3.09 36.63 19.62
C LEU C 165 -3.07 37.35 20.95
N SER C 166 -2.75 38.64 20.88
CA SER C 166 -2.62 39.47 22.07
C SER C 166 -3.98 39.74 22.71
N GLU C 167 -4.94 40.11 21.86
CA GLU C 167 -6.29 40.40 22.32
C GLU C 167 -7.04 39.13 22.72
N SER C 168 -6.50 37.98 22.31
CA SER C 168 -7.04 36.69 22.73
C SER C 168 -6.75 36.44 24.21
N GLY C 169 -5.59 36.91 24.66
CA GLY C 169 -5.18 36.71 26.04
C GLY C 169 -3.73 36.29 26.13
N VAL C 170 -3.21 35.80 25.02
CA VAL C 170 -1.82 35.34 24.93
C VAL C 170 -0.82 36.47 25.09
N PRO C 171 0.04 36.38 26.11
CA PRO C 171 1.12 37.35 26.26
C PRO C 171 2.02 37.27 25.04
N LEU C 172 2.27 38.39 24.39
CA LEU C 172 3.10 38.40 23.20
C LEU C 172 4.54 38.06 23.56
N SER C 173 4.88 38.21 24.83
CA SER C 173 6.20 37.89 25.32
C SER C 173 6.44 36.38 25.30
N GLN C 174 5.41 35.64 24.90
CA GLN C 174 5.48 34.18 24.83
C GLN C 174 5.28 33.70 23.40
N VAL C 175 5.31 34.64 22.47
CA VAL C 175 5.20 34.33 21.04
C VAL C 175 6.55 34.57 20.36
N ALA C 176 6.92 33.70 19.43
CA ALA C 176 8.19 33.85 18.72
C ALA C 176 8.06 33.56 17.23
N ILE C 177 8.38 34.54 16.39
CA ILE C 177 8.42 34.32 14.95
C ILE C 177 9.85 34.09 14.48
N ILE C 178 10.10 32.97 13.84
CA ILE C 178 11.45 32.62 13.41
C ILE C 178 11.58 32.61 11.89
N GLU C 179 12.31 33.60 11.38
CA GLU C 179 12.58 33.72 9.96
C GLU C 179 13.71 32.79 9.53
N THR C 180 13.45 31.94 8.53
CA THR C 180 14.45 30.98 8.08
C THR C 180 15.08 31.37 6.74
N GLN C 181 14.31 32.06 5.91
CA GLN C 181 14.73 32.46 4.56
C GLN C 181 15.14 31.27 3.69
N ALA C 182 14.63 30.09 4.01
CA ALA C 182 14.92 28.90 3.24
C ALA C 182 14.15 28.94 1.93
N GLN C 183 12.99 29.57 1.96
CA GLN C 183 12.14 29.66 0.79
C GLN C 183 12.53 30.83 -0.11
N LYS C 184 12.74 30.52 -1.39
CA LYS C 184 13.12 31.53 -2.37
C LYS C 184 12.03 31.72 -3.43
N THR C 185 11.08 30.79 -3.47
CA THR C 185 9.97 30.88 -4.40
C THR C 185 8.79 31.57 -3.73
N SER C 186 7.83 32.01 -4.53
CA SER C 186 6.65 32.66 -4.01
C SER C 186 5.49 31.66 -3.96
N ASP C 187 5.80 30.41 -4.28
CA ASP C 187 4.78 29.37 -4.46
C ASP C 187 4.71 28.39 -3.30
N ASP C 188 5.85 28.14 -2.66
CA ASP C 188 6.00 26.99 -1.79
C ASP C 188 5.78 27.29 -0.31
N CYS C 189 4.83 28.18 -0.02
CA CYS C 189 4.51 28.56 1.36
C CYS C 189 4.05 27.34 2.13
N VAL C 190 3.09 26.64 1.53
CA VAL C 190 2.38 25.55 2.17
C VAL C 190 3.27 24.32 2.35
N MET C 191 4.10 24.02 1.35
CA MET C 191 4.97 22.85 1.45
C MET C 191 6.08 23.04 2.49
N TYR C 192 6.65 24.24 2.51
CA TYR C 192 7.65 24.57 3.51
C TYR C 192 7.02 24.51 4.89
N SER C 193 5.82 25.07 5.01
CA SER C 193 5.12 25.05 6.29
C SER C 193 4.83 23.63 6.78
N LEU C 194 4.42 22.76 5.85
CA LEU C 194 4.08 21.38 6.20
C LEU C 194 5.35 20.63 6.62
N ASN C 195 6.39 20.73 5.81
CA ASN C 195 7.66 20.11 6.14
C ASN C 195 8.19 20.63 7.48
N TYR C 196 7.93 21.89 7.79
CA TYR C 196 8.36 22.49 9.06
C TYR C 196 7.52 21.97 10.23
N ALA C 197 6.26 21.64 9.97
CA ALA C 197 5.43 21.00 11.00
C ALA C 197 6.00 19.62 11.29
N ILE C 198 6.14 18.83 10.23
CA ILE C 198 6.67 17.49 10.37
C ILE C 198 8.04 17.48 11.05
N LYS C 199 8.90 18.42 10.67
CA LYS C 199 10.24 18.49 11.27
C LYS C 199 10.17 18.99 12.69
N ALA C 200 9.19 19.85 12.99
CA ALA C 200 9.01 20.33 14.35
C ALA C 200 8.60 19.19 15.25
N HIS C 201 7.85 18.24 14.70
CA HIS C 201 7.54 17.04 15.47
C HIS C 201 8.79 16.18 15.58
N LYS C 202 9.50 16.02 14.46
CA LYS C 202 10.72 15.22 14.42
C LYS C 202 11.83 15.78 15.34
N ASN C 203 11.88 17.11 15.45
CA ASN C 203 12.86 17.77 16.30
C ASN C 203 12.16 18.36 17.52
N ALA C 204 11.31 17.55 18.15
CA ALA C 204 10.45 18.00 19.22
C ALA C 204 11.23 18.49 20.43
N ALA C 205 12.39 17.89 20.69
CA ALA C 205 13.17 18.23 21.88
C ALA C 205 13.64 19.68 21.85
N GLN C 206 14.29 20.08 20.77
CA GLN C 206 14.79 21.44 20.69
C GLN C 206 13.64 22.44 20.74
N PHE C 207 12.52 22.11 20.07
CA PHE C 207 11.35 22.97 20.14
C PHE C 207 10.86 23.10 21.57
N ASP C 208 10.95 22.02 22.33
CA ASP C 208 10.64 22.07 23.75
C ASP C 208 11.59 23.01 24.45
N ASP C 209 12.85 23.07 23.99
CA ASP C 209 13.80 24.04 24.55
C ASP C 209 13.36 25.47 24.30
N ILE C 210 13.04 25.77 23.04
CA ILE C 210 12.62 27.12 22.65
C ILE C 210 11.35 27.54 23.39
N HIS C 211 10.44 26.58 23.60
CA HIS C 211 9.19 26.83 24.31
C HIS C 211 9.46 27.06 25.79
N HIS C 212 10.40 26.30 26.34
CA HIS C 212 10.85 26.50 27.70
C HIS C 212 11.40 27.92 27.83
N GLY C 213 12.03 28.38 26.77
CA GLY C 213 12.51 29.75 26.72
C GLY C 213 11.36 30.74 26.75
N LEU C 214 10.38 30.53 25.87
CA LEU C 214 9.26 31.46 25.76
C LEU C 214 8.41 31.50 27.03
N GLN C 215 8.45 30.41 27.78
CA GLN C 215 7.71 30.35 29.03
C GLN C 215 8.20 31.42 30.01
N HIS C 216 9.49 31.69 29.99
CA HIS C 216 10.05 32.75 30.82
C HIS C 216 10.13 34.07 30.04
N GLY C 217 9.43 34.13 28.90
CA GLY C 217 9.28 35.35 28.15
C GLY C 217 10.51 35.80 27.37
N THR C 218 11.44 34.87 27.13
CA THR C 218 12.67 35.19 26.41
C THR C 218 13.00 34.21 25.28
N LEU C 219 13.86 34.63 24.37
CA LEU C 219 14.31 33.77 23.27
C LEU C 219 15.85 33.70 23.23
N SER C 220 16.38 32.48 23.15
CA SER C 220 17.82 32.25 23.25
C SER C 220 18.64 32.98 22.19
N THR C 221 19.65 33.73 22.64
CA THR C 221 20.57 34.46 21.77
C THR C 221 19.86 35.36 20.76
N GLU C 222 18.67 35.83 21.12
CA GLU C 222 17.88 36.67 20.23
C GLU C 222 18.58 37.97 19.88
N SER C 223 19.30 38.51 20.84
CA SER C 223 19.96 39.80 20.70
C SER C 223 20.90 39.86 19.47
N GLU C 224 21.64 38.78 19.22
CA GLU C 224 22.46 38.72 18.01
C GLU C 224 21.63 38.25 16.83
N SER C 225 20.76 37.27 17.09
CA SER C 225 20.12 36.49 16.05
C SER C 225 18.87 37.15 15.46
N ARG C 226 18.31 38.12 16.16
CA ARG C 226 17.17 38.84 15.65
C ARG C 226 17.66 39.83 14.61
N ALA C 227 18.90 40.25 14.77
CA ALA C 227 19.55 41.17 13.85
C ALA C 227 19.78 40.53 12.48
N ARG C 228 19.96 39.22 12.46
CA ARG C 228 20.26 38.50 11.21
C ARG C 228 19.03 38.32 10.33
N THR C 229 17.88 38.75 10.83
CA THR C 229 16.64 38.69 10.07
C THR C 229 16.39 40.03 9.41
N THR C 230 15.47 40.06 8.45
CA THR C 230 15.07 41.31 7.80
C THR C 230 14.49 42.26 8.85
N LEU C 231 13.75 41.67 9.78
CA LEU C 231 13.13 42.40 10.87
C LEU C 231 14.18 43.12 11.71
N GLY C 232 15.32 42.49 11.90
CA GLY C 232 16.39 43.11 12.67
C GLY C 232 16.98 44.32 11.96
N ALA C 233 17.24 44.16 10.67
CA ALA C 233 17.81 45.24 9.88
C ALA C 233 16.85 46.41 9.88
N LEU C 234 15.55 46.11 9.91
CA LEU C 234 14.56 47.18 9.96
C LEU C 234 14.50 47.82 11.36
N GLU C 235 14.70 47.03 12.41
CA GLU C 235 14.69 47.58 13.78
C GLU C 235 15.88 48.47 14.04
N ALA C 236 17.00 48.18 13.37
CA ALA C 236 18.20 48.97 13.53
C ALA C 236 18.23 50.17 12.57
N SER C 237 17.54 50.05 11.44
CA SER C 237 17.53 51.12 10.44
C SER C 237 16.36 52.10 10.61
N SER C 238 15.35 51.71 11.38
CA SER C 238 14.16 52.54 11.55
C SER C 238 14.11 53.21 12.92
N SER C 239 14.60 52.53 13.94
CA SER C 239 14.59 53.05 15.31
C SER C 239 13.18 53.39 15.78
N TYR C 240 12.24 52.51 15.47
CA TYR C 240 10.87 52.64 15.95
C TYR C 240 10.23 51.26 16.04
N SER C 241 9.24 51.14 16.93
CA SER C 241 8.61 49.84 17.16
C SER C 241 7.96 49.36 15.86
N VAL C 242 8.52 48.29 15.29
CA VAL C 242 8.00 47.78 14.01
C VAL C 242 7.19 46.49 14.18
N MET C 243 7.55 45.67 15.17
CA MET C 243 6.73 44.52 15.51
C MET C 243 6.20 44.71 16.93
N HIS C 244 5.04 44.11 17.24
CA HIS C 244 4.38 44.35 18.53
C HIS C 244 5.23 44.07 19.76
N GLU C 245 5.00 44.87 20.80
CA GLU C 245 5.72 44.72 22.05
C GLU C 245 5.50 43.36 22.67
N GLY C 246 6.59 42.60 22.76
CA GLY C 246 6.54 41.30 23.39
C GLY C 246 6.96 40.19 22.46
N ALA C 247 6.49 40.25 21.22
CA ALA C 247 6.78 39.19 20.26
C ALA C 247 8.28 39.12 19.99
N HIS C 248 8.82 37.92 20.15
CA HIS C 248 10.23 37.65 19.95
C HIS C 248 10.50 37.17 18.53
N ALA C 249 11.76 37.25 18.10
CA ALA C 249 12.13 36.83 16.76
C ALA C 249 13.59 36.42 16.67
N ALA C 250 13.91 35.53 15.72
CA ALA C 250 15.30 35.08 15.55
C ALA C 250 15.53 34.48 14.16
N PHE C 251 16.79 34.38 13.78
CA PHE C 251 17.18 33.78 12.51
C PHE C 251 17.26 32.27 12.68
N GLY C 252 16.61 31.55 11.77
CA GLY C 252 16.50 30.10 11.88
C GLY C 252 17.80 29.34 12.06
N ALA C 253 18.86 29.81 11.41
CA ALA C 253 20.12 29.09 11.42
C ALA C 253 20.75 29.03 12.80
N ASP C 254 20.31 29.90 13.69
CA ASP C 254 20.91 29.99 15.03
C ASP C 254 20.08 29.27 16.09
N VAL C 255 18.79 29.11 15.83
CA VAL C 255 17.88 28.58 16.85
C VAL C 255 17.12 27.32 16.45
N LEU C 256 17.09 27.04 15.15
CA LEU C 256 16.41 25.85 14.66
C LEU C 256 17.43 24.81 14.21
N PRO C 257 17.05 23.52 14.23
CA PRO C 257 17.97 22.49 13.75
C PRO C 257 18.13 22.51 12.23
N VAL C 258 19.14 21.79 11.73
CA VAL C 258 19.48 21.80 10.31
C VAL C 258 18.37 21.25 9.40
N ASP C 259 17.50 20.41 9.95
CA ASP C 259 16.41 19.79 9.18
C ASP C 259 15.55 20.81 8.44
N PHE C 260 15.49 22.02 8.99
CA PHE C 260 14.63 23.07 8.44
C PHE C 260 15.22 23.74 7.21
N TYR C 261 16.44 23.37 6.87
CA TYR C 261 17.12 23.97 5.73
C TYR C 261 17.38 22.98 4.60
N LYS C 262 16.79 21.78 4.73
CA LYS C 262 16.97 20.74 3.72
C LYS C 262 16.34 21.12 2.37
N HIS C 263 15.43 22.08 2.37
CA HIS C 263 14.76 22.44 1.12
C HIS C 263 15.11 23.84 0.64
N GLY C 264 16.17 24.41 1.20
CA GLY C 264 16.65 25.72 0.77
C GLY C 264 17.09 25.73 -0.68
N ALA C 265 16.58 26.67 -1.45
CA ALA C 265 16.88 26.76 -2.87
C ALA C 265 18.30 27.25 -3.10
N SER C 266 18.74 28.17 -2.27
CA SER C 266 20.05 28.79 -2.43
C SER C 266 21.18 27.87 -1.99
N LEU C 267 22.09 27.58 -2.91
CA LEU C 267 23.27 26.79 -2.60
C LEU C 267 24.24 27.65 -1.79
N THR C 268 24.25 28.93 -2.13
CA THR C 268 25.06 29.91 -1.39
C THR C 268 24.64 29.97 0.06
N GLN C 269 23.33 29.87 0.30
CA GLN C 269 22.82 29.86 1.67
C GLN C 269 23.30 28.64 2.43
N ALA C 270 23.28 27.48 1.79
CA ALA C 270 23.78 26.25 2.42
C ALA C 270 25.27 26.36 2.74
N TYR C 271 26.02 26.92 1.80
CA TYR C 271 27.46 27.12 2.00
C TYR C 271 27.72 28.04 3.20
N TYR C 272 27.00 29.16 3.24
CA TYR C 272 27.10 30.10 4.35
C TYR C 272 26.59 29.52 5.67
N LEU C 273 25.73 28.51 5.58
CA LEU C 273 25.18 27.85 6.77
C LEU C 273 26.18 26.87 7.35
N MET C 274 26.92 26.20 6.48
CA MET C 274 27.94 25.29 6.94
C MET C 274 29.15 26.03 7.51
N LYS C 275 29.29 27.30 7.13
CA LYS C 275 30.45 28.08 7.54
C LYS C 275 30.31 28.64 8.94
N ARG C 276 29.20 28.32 9.60
CA ARG C 276 28.96 28.75 10.96
C ARG C 276 29.93 28.03 11.89
N PRO C 277 30.51 28.75 12.86
CA PRO C 277 31.53 28.23 13.77
C PRO C 277 31.06 27.05 14.61
N ASP C 278 29.79 27.08 15.03
CA ASP C 278 29.25 26.03 15.88
C ASP C 278 29.06 24.71 15.13
N GLY C 279 28.97 24.79 13.81
CA GLY C 279 28.84 23.60 12.99
C GLY C 279 27.55 22.83 13.25
N ARG C 280 26.49 23.57 13.53
CA ARG C 280 25.19 22.94 13.76
C ARG C 280 24.57 22.54 12.42
N MET C 281 24.94 23.27 11.37
CA MET C 281 24.39 23.02 10.05
C MET C 281 25.33 22.21 9.15
N ALA C 282 26.44 21.75 9.72
CA ALA C 282 27.48 21.11 8.92
C ALA C 282 27.48 19.59 9.03
N GLY C 283 26.51 19.04 9.75
CA GLY C 283 26.43 17.61 9.93
C GLY C 283 25.78 16.87 8.77
N ARG C 284 25.37 15.63 9.03
CA ARG C 284 24.67 14.81 8.05
C ARG C 284 23.17 15.06 8.15
N VAL C 285 22.51 15.17 6.99
CA VAL C 285 21.09 15.54 6.95
C VAL C 285 20.16 14.41 6.47
N ASN C 286 20.72 13.26 6.14
CA ASN C 286 19.90 12.09 5.81
C ASN C 286 19.95 11.01 6.91
N SER C 287 18.99 10.08 6.87
CA SER C 287 18.91 9.01 7.87
C SER C 287 20.17 8.16 7.88
N GLU C 288 20.49 7.58 9.03
CA GLU C 288 21.69 6.78 9.18
C GLU C 288 21.60 5.48 8.36
N GLY C 289 20.40 5.13 7.91
CA GLY C 289 20.18 3.95 7.10
C GLY C 289 20.52 4.13 5.64
N HIS C 290 21.60 4.84 5.37
CA HIS C 290 22.08 5.05 4.00
C HIS C 290 23.54 4.60 3.86
N SER C 291 23.84 3.92 2.76
CA SER C 291 25.21 3.55 2.46
C SER C 291 26.04 4.82 2.27
N GLU C 292 25.52 5.72 1.44
CA GLU C 292 26.15 7.00 1.21
C GLU C 292 25.51 8.12 2.05
N ALA C 293 26.30 8.74 2.91
CA ALA C 293 25.85 9.87 3.71
C ALA C 293 25.57 11.09 2.83
N GLU C 294 25.03 12.15 3.42
CA GLU C 294 24.74 13.37 2.69
C GLU C 294 24.54 14.56 3.63
N ASN C 295 25.10 15.71 3.27
CA ASN C 295 24.92 16.90 4.08
C ASN C 295 24.08 17.96 3.36
N LEU C 296 24.00 19.15 3.94
CA LEU C 296 23.15 20.20 3.39
C LEU C 296 23.58 20.65 2.00
N VAL C 297 24.85 21.00 1.84
CA VAL C 297 25.37 21.43 0.56
C VAL C 297 25.29 20.33 -0.50
N GLN C 298 25.66 19.11 -0.11
CA GLN C 298 25.60 17.98 -1.03
C GLN C 298 24.17 17.71 -1.48
N ARG C 299 23.23 17.79 -0.53
CA ARG C 299 21.82 17.60 -0.85
C ARG C 299 21.34 18.68 -1.80
N ASN C 300 21.69 19.92 -1.50
CA ASN C 300 21.33 21.05 -2.35
C ASN C 300 21.84 20.82 -3.76
N GLN C 301 23.07 20.32 -3.87
CA GLN C 301 23.67 20.04 -5.17
C GLN C 301 22.96 18.88 -5.87
N ALA C 302 22.39 17.98 -5.07
CA ALA C 302 21.69 16.80 -5.61
C ALA C 302 20.31 17.13 -6.15
N PHE C 303 19.78 18.28 -5.74
CA PHE C 303 18.47 18.73 -6.23
C PHE C 303 18.61 20.01 -7.04
N ARG C 304 19.78 20.21 -7.62
CA ARG C 304 20.07 21.44 -8.35
C ARG C 304 19.54 21.35 -9.78
N VAL C 305 18.54 22.18 -10.09
CA VAL C 305 17.97 22.22 -11.43
C VAL C 305 17.70 23.67 -11.85
N LYS C 306 17.55 23.89 -13.15
CA LYS C 306 17.29 25.23 -13.67
C LYS C 306 15.87 25.74 -13.38
N ARG C 307 15.69 27.06 -13.48
CA ARG C 307 14.40 27.70 -13.24
C ARG C 307 14.54 29.16 -13.68
N ARG C 308 13.47 29.93 -13.78
CA ARG C 308 12.09 29.45 -13.76
C ARG C 308 11.38 29.82 -15.07
N GLU C 309 11.25 31.11 -15.35
CA GLU C 309 10.66 31.58 -16.59
C GLU C 309 11.55 32.57 -17.32
N LEU C 310 12.70 32.11 -17.83
CA LEU C 310 13.74 33.04 -18.27
C LEU C 310 13.79 33.25 -19.80
N LEU C 311 14.65 34.17 -20.25
CA LEU C 311 14.97 34.48 -21.67
C LEU C 311 15.70 35.82 -21.78
N ASP C 312 14.95 36.83 -22.20
CA ASP C 312 15.43 38.20 -22.24
C ASP C 312 15.63 38.71 -20.81
N ASP C 313 14.76 38.29 -19.90
CA ASP C 313 14.91 38.68 -18.49
C ASP C 313 15.47 37.49 -17.72
N GLU C 314 16.72 37.14 -17.98
CA GLU C 314 17.36 36.02 -17.29
C GLU C 314 18.01 36.41 -15.96
N THR C 315 19.22 35.90 -15.75
CA THR C 315 20.12 36.26 -14.65
C THR C 315 19.67 35.71 -13.26
N PRO C 316 19.43 36.59 -12.25
CA PRO C 316 19.73 36.25 -10.85
C PRO C 316 20.63 35.06 -10.54
N SER C 317 21.92 35.32 -10.43
CA SER C 317 22.93 34.33 -10.02
C SER C 317 23.23 33.37 -11.15
N ASN C 318 22.28 32.46 -11.36
CA ASN C 318 22.38 31.40 -12.33
C ASN C 318 21.01 30.78 -12.41
N THR C 319 20.63 30.32 -13.59
CA THR C 319 19.31 29.76 -13.81
C THR C 319 18.94 28.61 -12.87
N GLN C 320 19.88 28.14 -12.06
CA GLN C 320 19.63 26.99 -11.18
C GLN C 320 19.23 27.34 -9.73
N PHE C 321 18.74 26.33 -9.02
CA PHE C 321 18.34 26.41 -7.61
C PHE C 321 18.12 24.99 -7.10
N SER C 322 17.73 24.83 -5.84
CA SER C 322 17.42 23.50 -5.30
C SER C 322 15.91 23.22 -5.26
N ALA C 323 15.47 22.24 -6.04
CA ALA C 323 14.05 21.90 -6.11
C ALA C 323 13.66 20.77 -5.17
N SER C 324 14.38 20.63 -4.06
CA SER C 324 14.10 19.58 -3.08
C SER C 324 12.65 19.64 -2.58
N ILE C 325 12.16 20.87 -2.39
CA ILE C 325 10.81 21.12 -1.88
C ILE C 325 9.70 20.59 -2.81
N ASP C 326 9.91 20.70 -4.12
CA ASP C 326 8.98 20.15 -5.10
C ASP C 326 8.91 18.64 -4.93
N GLY C 327 10.08 18.06 -4.67
CA GLY C 327 10.20 16.65 -4.39
C GLY C 327 9.45 16.27 -3.12
N PHE C 328 9.48 17.17 -2.14
CA PHE C 328 8.70 16.95 -0.93
C PHE C 328 7.20 16.91 -1.27
N ARG C 329 6.77 17.83 -2.14
CA ARG C 329 5.37 17.84 -2.57
C ARG C 329 4.99 16.51 -3.24
N LEU C 330 5.85 16.08 -4.17
CA LEU C 330 5.64 14.82 -4.86
C LEU C 330 5.54 13.66 -3.88
N GLN C 331 6.40 13.69 -2.86
CA GLN C 331 6.39 12.69 -1.81
C GLN C 331 5.04 12.65 -1.09
N GLU C 332 4.60 13.81 -0.60
CA GLU C 332 3.32 13.91 0.09
C GLU C 332 2.18 13.38 -0.78
N ILE C 333 2.24 13.70 -2.06
CA ILE C 333 1.20 13.25 -2.98
C ILE C 333 1.24 11.73 -3.10
N LYS C 334 2.45 11.16 -3.16
CA LYS C 334 2.61 9.70 -3.23
C LYS C 334 1.98 9.07 -2.00
N ARG C 335 2.19 9.71 -0.85
CA ARG C 335 1.65 9.23 0.42
C ARG C 335 0.11 9.24 0.42
N VAL C 336 -0.47 10.34 -0.07
CA VAL C 336 -1.92 10.45 -0.16
C VAL C 336 -2.51 9.38 -1.08
N LEU C 337 -1.96 9.28 -2.29
CA LEU C 337 -2.45 8.35 -3.30
C LEU C 337 -2.25 6.90 -2.87
N ALA C 338 -1.23 6.65 -2.04
CA ALA C 338 -1.01 5.31 -1.51
C ALA C 338 -2.05 5.05 -0.42
N ALA C 339 -2.39 6.10 0.32
CA ALA C 339 -3.35 5.97 1.40
C ALA C 339 -4.74 5.67 0.86
N ALA C 340 -5.05 6.20 -0.31
CA ALA C 340 -6.39 6.02 -0.87
C ALA C 340 -6.59 4.63 -1.50
N GLN C 341 -5.54 4.14 -2.16
CA GLN C 341 -5.63 2.87 -2.89
C GLN C 341 -5.37 1.67 -1.98
C1 IHP D . -38.30 5.27 0.49
C2 IHP D . -37.33 4.07 1.02
C3 IHP D . -37.53 3.42 2.53
C4 IHP D . -38.96 3.74 3.18
C5 IHP D . -39.60 5.16 2.84
C6 IHP D . -39.69 5.21 1.28
O11 IHP D . -37.75 6.50 0.37
P1 IHP D . -37.31 7.29 -1.13
O21 IHP D . -35.82 7.60 -1.19
O31 IHP D . -38.07 8.61 -1.34
O41 IHP D . -37.66 6.43 -2.35
O12 IHP D . -36.00 4.33 0.75
P2 IHP D . -35.04 3.77 -0.55
O22 IHP D . -35.05 4.76 -1.72
O32 IHP D . -33.57 3.57 -0.12
O42 IHP D . -35.50 2.42 -1.10
O13 IHP D . -36.50 3.55 3.40
P3 IHP D . -35.31 2.34 3.62
O23 IHP D . -35.85 0.96 3.24
O33 IHP D . -34.11 2.63 2.70
O43 IHP D . -34.81 2.28 5.05
O14 IHP D . -39.01 3.46 4.52
P4 IHP D . -40.37 3.01 5.40
O24 IHP D . -40.49 3.75 6.73
O34 IHP D . -41.65 3.29 4.59
O44 IHP D . -40.40 1.49 5.71
O15 IHP D . -39.08 6.26 3.46
P5 IHP D . -39.79 7.08 4.82
O25 IHP D . -39.35 6.43 6.13
O35 IHP D . -39.35 8.57 4.88
O45 IHP D . -41.31 7.09 4.79
O16 IHP D . -40.56 6.16 0.83
P6 IHP D . -41.63 6.02 -0.44
O26 IHP D . -41.73 4.58 -0.93
O36 IHP D . -43.05 6.48 -0.03
O46 IHP D . -41.24 6.90 -1.63
N1A COA E . -16.97 5.90 -11.18
C2A COA E . -17.36 4.99 -12.13
N3A COA E . -18.51 4.84 -12.80
C4A COA E . -19.43 5.80 -12.44
C5A COA E . -19.18 6.81 -11.46
C6A COA E . -17.92 6.82 -10.85
N6A COA E . -17.62 7.77 -9.91
N7A COA E . -20.30 7.65 -11.29
C8A COA E . -21.20 7.14 -12.15
N9A COA E . -20.73 6.04 -12.87
C1B COA E . -21.51 5.25 -13.89
C2B COA E . -21.95 6.14 -15.06
O2B COA E . -23.08 6.87 -14.74
C3B COA E . -22.36 5.00 -16.03
O3B COA E . -23.63 4.66 -15.82
P3B COA E . -24.73 5.39 -17.10
O7A COA E . -24.48 6.82 -16.73
O8A COA E . -24.15 4.88 -18.40
O9A COA E . -26.05 4.85 -16.62
C4B COA E . -21.41 3.83 -15.60
O4B COA E . -20.69 4.26 -14.44
C5B COA E . -20.45 3.51 -16.73
O5B COA E . -19.18 3.33 -16.16
P1A COA E . -18.35 2.54 -17.32
O1A COA E . -17.22 3.43 -17.74
O2A COA E . -19.20 1.85 -18.35
O3A COA E . -17.48 1.33 -16.53
P2A COA E . -18.53 0.16 -16.21
O4A COA E . -19.58 0.67 -15.30
O5A COA E . -18.82 -0.75 -17.38
O6A COA E . -17.68 -0.94 -15.10
CBP COA E . -16.54 -0.58 -13.07
CCP COA E . -16.65 -0.20 -14.55
CDP COA E . -15.45 -1.62 -12.90
CEP COA E . -17.89 -1.13 -12.59
CAP COA E . -16.20 0.75 -12.34
OAP COA E . -17.14 1.76 -12.51
C9P COA E . -16.00 0.54 -10.81
O9P COA E . -16.93 0.39 -10.03
N8P COA E . -14.68 0.57 -10.36
C7P COA E . -14.41 0.39 -8.93
C6P COA E . -14.30 -1.12 -8.60
C5P COA E . -13.12 -1.34 -7.66
O5P COA E . -11.97 -1.55 -8.03
N4P COA E . -13.39 -1.34 -6.29
C3P COA E . -14.76 -1.11 -5.81
C2P COA E . -14.79 -1.28 -4.29
S1P COA E . -15.13 0.35 -3.51
C1 IHP F . 25.81 -17.77 6.79
C2 IHP F . 26.04 -19.09 7.57
C3 IHP F . 24.77 -20.05 7.66
C4 IHP F . 24.16 -20.28 6.16
C5 IHP F . 24.36 -19.12 5.00
C6 IHP F . 25.66 -18.22 5.30
O11 IHP F . 24.80 -16.99 7.23
P1 IHP F . 24.96 -15.33 7.61
O21 IHP F . 25.87 -15.13 8.82
O31 IHP F . 23.61 -14.68 7.91
O41 IHP F . 25.57 -14.56 6.45
O12 IHP F . 26.56 -18.84 8.82
P2 IHP F . 27.52 -19.89 9.73
O22 IHP F . 28.89 -19.27 10.02
O32 IHP F . 26.85 -20.23 11.08
O42 IHP F . 27.74 -21.22 9.00
O13 IHP F . 23.86 -19.74 8.61
P3 IHP F . 23.14 -20.87 9.71
O23 IHP F . 24.15 -21.38 10.73
O33 IHP F . 21.96 -20.24 10.49
O43 IHP F . 22.54 -22.09 9.00
O14 IHP F . 22.85 -20.72 6.22
P4 IHP F . 22.00 -21.75 5.16
O24 IHP F . 22.15 -23.21 5.58
O34 IHP F . 20.50 -21.41 5.13
O44 IHP F . 22.46 -21.62 3.69
O15 IHP F . 23.25 -18.42 4.64
P5 IHP F . 22.77 -18.01 3.05
O25 IHP F . 23.74 -17.00 2.43
O35 IHP F . 22.77 -19.25 2.14
O45 IHP F . 21.36 -17.43 2.96
O16 IHP F . 25.75 -17.12 4.47
P6 IHP F . 27.04 -16.56 3.53
O26 IHP F . 26.86 -16.85 2.03
O36 IHP F . 27.25 -15.03 3.67
O46 IHP F . 28.38 -17.18 3.95
N1A COA G . 25.85 -17.26 -15.82
C2A COA G . 25.70 -16.18 -14.97
N3A COA G . 24.94 -15.08 -15.05
C4A COA G . 24.18 -15.07 -16.22
C5A COA G . 24.22 -16.11 -17.20
C6A COA G . 25.08 -17.20 -16.95
N6A COA G . 25.16 -18.22 -17.85
N7A COA G . 23.36 -15.84 -18.26
C8A COA G . 22.81 -14.65 -17.92
N9A COA G . 23.27 -14.16 -16.70
C1B COA G . 22.89 -12.89 -16.02
C2B COA G . 23.87 -11.76 -16.37
O2B COA G . 24.98 -11.80 -15.56
C3B COA G . 22.95 -10.57 -15.95
O3B COA G . 23.01 -10.40 -14.63
P3B COA G . 23.66 -8.72 -14.22
O7A COA G . 22.71 -7.99 -15.14
O8A COA G . 23.43 -8.57 -12.73
O9A COA G . 25.07 -8.89 -14.72
C4B COA G . 21.53 -11.09 -16.34
O4B COA G . 21.62 -12.52 -16.52
C5B COA G . 21.06 -10.43 -17.63
O5B COA G . 20.84 -11.43 -18.60
P1A COA G . 19.56 -10.91 -19.50
O1A COA G . 18.58 -10.19 -18.63
O2A COA G . 19.97 -10.32 -20.83
O3A COA G . 18.69 -12.28 -19.93
P2A COA G . 18.15 -13.03 -18.61
O4A COA G . 16.72 -13.36 -18.82
O5A COA G . 18.67 -12.48 -17.29
O6A COA G . 18.87 -14.64 -18.64
CBP COA G . 18.35 -16.00 -20.53
CCP COA G . 19.27 -14.90 -19.94
CDP COA G . 19.19 -16.88 -21.44
CEP COA G . 17.25 -15.29 -21.32
CAP COA G . 17.80 -16.81 -19.28
OAP COA G . 16.94 -16.08 -18.45
C9P COA G . 17.01 -18.08 -19.72
O9P COA G . 16.32 -18.15 -20.74
N8P COA G . 17.09 -19.20 -18.86
C7P COA G . 17.88 -19.12 -17.65
C6P COA G . 17.55 -20.32 -16.73
C5P COA G . 18.43 -21.46 -17.15
O5P COA G . 19.54 -21.68 -16.70
N4P COA G . 17.88 -22.33 -18.11
C3P COA G . 18.68 -23.47 -18.58
C2P COA G . 18.13 -24.75 -17.95
S1P COA G . 18.56 -24.75 -16.16
C1 IHP H . 13.59 12.14 3.97
C2 IHP H . 13.69 10.57 4.54
C3 IHP H . 12.35 9.91 5.18
C4 IHP H . 11.28 10.18 4.08
C5 IHP H . 11.07 11.75 3.81
C6 IHP H . 12.42 11.98 2.98
O11 IHP H . 13.48 13.23 4.81
P1 IHP H . 13.20 14.94 4.39
O21 IHP H . 13.91 15.87 5.38
O31 IHP H . 11.72 15.33 4.41
O41 IHP H . 13.70 15.34 3.01
O12 IHP H . 14.84 10.22 5.18
P2 IHP H . 16.00 9.22 4.48
O22 IHP H . 15.87 9.23 2.96
O32 IHP H . 17.42 9.70 4.84
O42 IHP H . 15.92 7.76 4.93
O13 IHP H . 11.93 10.27 6.42
P3 IHP H . 10.76 9.40 7.35
O23 IHP H . 11.02 7.90 7.28
O33 IHP H . 10.84 9.81 8.83
O43 IHP H . 9.31 9.63 6.92
O14 IHP H . 10.15 9.40 4.23
P4 IHP H . 10.07 7.70 3.98
O24 IHP H . 11.46 7.06 3.96
O34 IHP H . 9.26 6.99 5.09
O44 IHP H . 9.36 7.34 2.67
O15 IHP H . 10.96 12.54 4.92
P5 IHP H . 9.55 13.23 5.65
O25 IHP H . 9.02 12.35 6.77
O35 IHP H . 9.84 14.62 6.27
O45 IHP H . 8.41 13.46 4.66
O16 IHP H . 12.46 12.94 2.02
P6 IHP H . 13.69 13.13 0.85
O26 IHP H . 13.43 14.32 -0.08
O36 IHP H . 15.08 13.33 1.49
O46 IHP H . 13.83 11.86 -0.02
N1A COA I . 12.76 30.79 -7.34
C2A COA I . 13.79 29.95 -7.02
N3A COA I . 15.03 30.23 -6.56
C4A COA I . 15.24 31.58 -6.41
C5A COA I . 14.26 32.57 -6.72
C6A COA I . 13.01 32.11 -7.19
N6A COA I . 12.03 33.01 -7.50
N7A COA I . 14.75 33.86 -6.48
C8A COA I . 16.00 33.64 -6.04
N9A COA I . 16.34 32.29 -5.98
C1B COA I . 17.64 31.70 -5.54
C2B COA I . 18.67 31.73 -6.68
O2B COA I . 18.61 30.58 -7.45
C3B COA I . 19.94 31.73 -5.79
O3B COA I . 20.07 30.53 -5.21
P3B COA I . 21.79 29.85 -5.42
O7A COA I . 22.47 30.13 -4.10
O8A COA I . 22.15 30.72 -6.59
O9A COA I . 21.44 28.43 -5.78
C4B COA I . 19.51 32.76 -4.75
O4B COA I . 18.13 32.52 -4.49
C5B COA I . 19.66 34.14 -5.34
O5B COA I . 19.99 35.04 -4.33
P1A COA I . 19.65 36.52 -4.95
O1A COA I . 20.83 37.10 -5.70
O2A COA I . 18.29 36.50 -5.56
O3A COA I . 19.39 37.59 -3.68
P2A COA I . 18.86 36.77 -2.39
O4A COA I . 19.98 35.95 -1.84
O5A COA I . 17.92 37.54 -1.49
O6A COA I . 17.77 35.54 -3.01
C1 CIT J . 0.61 39.36 -1.95
O1 CIT J . 1.30 40.19 -1.30
O2 CIT J . -0.10 38.52 -1.32
C2 CIT J . 0.63 39.37 -3.46
C3 CIT J . -0.49 40.24 -4.06
O7 CIT J . -0.65 39.87 -5.44
C4 CIT J . -1.83 40.01 -3.35
C5 CIT J . -2.33 38.60 -3.60
O3 CIT J . -2.70 37.88 -2.64
O4 CIT J . -2.37 38.15 -4.77
C6 CIT J . -0.10 41.73 -3.98
O5 CIT J . 0.31 42.24 -2.91
O6 CIT J . -0.19 42.47 -4.99
#